data_2ND2
#
_entry.id   2ND2
#
_entity_poly.entity_id   1
_entity_poly.type   'polypeptide(L)'
_entity_poly.pdbx_seq_one_letter_code
;APCEDLKERLKKLGMSEECRQRLEKMCKEGTSEDAERMARNCES
;
_entity_poly.pdbx_strand_id   A
#
# COMPACT_ATOMS: atom_id res chain seq x y z
N ALA A 1 5.58 -10.86 8.77
CA ALA A 1 5.35 -9.47 9.25
C ALA A 1 4.03 -8.92 8.66
N PRO A 2 3.20 -8.16 9.47
CA PRO A 2 1.78 -7.82 9.13
C PRO A 2 1.60 -7.24 7.71
N CYS A 3 2.20 -6.06 7.47
CA CYS A 3 2.11 -5.37 6.19
C CYS A 3 3.41 -4.59 5.92
N GLU A 4 4.53 -5.04 6.53
CA GLU A 4 5.81 -4.31 6.49
C GLU A 4 6.36 -4.20 5.06
N ASP A 5 6.43 -5.33 4.36
CA ASP A 5 6.94 -5.39 2.97
C ASP A 5 6.13 -4.45 2.05
N LEU A 6 4.80 -4.53 2.17
CA LEU A 6 3.84 -3.77 1.33
C LEU A 6 3.99 -2.25 1.60
N LYS A 7 3.89 -1.88 2.89
CA LYS A 7 3.83 -0.49 3.36
C LYS A 7 5.18 0.23 3.18
N GLU A 8 6.28 -0.52 3.30
CA GLU A 8 7.64 0.01 3.03
C GLU A 8 7.85 0.23 1.52
N ARG A 9 7.14 -0.55 0.67
CA ARG A 9 7.17 -0.36 -0.79
C ARG A 9 6.35 0.87 -1.20
N LEU A 10 5.30 1.22 -0.43
CA LEU A 10 4.53 2.47 -0.64
C LEU A 10 5.49 3.68 -0.49
N LYS A 11 6.42 3.54 0.46
CA LYS A 11 7.44 4.52 0.78
C LYS A 11 8.59 4.50 -0.27
N LYS A 12 9.03 3.29 -0.64
CA LYS A 12 10.21 3.06 -1.51
C LYS A 12 9.88 3.47 -2.97
N LEU A 13 8.67 3.12 -3.43
CA LEU A 13 8.18 3.46 -4.78
C LEU A 13 7.81 4.95 -4.88
N GLY A 14 7.61 5.59 -3.71
CA GLY A 14 7.44 7.05 -3.63
C GLY A 14 6.18 7.55 -4.33
N MET A 15 5.03 6.96 -3.94
CA MET A 15 3.71 7.37 -4.42
C MET A 15 3.24 8.62 -3.64
N SER A 16 1.99 9.05 -3.86
CA SER A 16 1.40 10.16 -3.10
C SER A 16 1.30 9.80 -1.60
N GLU A 17 1.30 10.83 -0.75
CA GLU A 17 1.12 10.68 0.71
C GLU A 17 -0.25 10.07 1.01
N GLU A 18 -1.27 10.61 0.32
CA GLU A 18 -2.64 10.08 0.34
C GLU A 18 -2.70 8.63 -0.16
N CYS A 19 -1.84 8.30 -1.16
CA CYS A 19 -1.82 6.94 -1.73
C CYS A 19 -1.43 5.95 -0.65
N ARG A 20 -0.32 6.24 0.06
CA ARG A 20 0.19 5.38 1.15
C ARG A 20 -0.88 5.19 2.22
N GLN A 21 -1.43 6.36 2.68
CA GLN A 21 -2.41 6.43 3.77
C GLN A 21 -3.69 5.62 3.45
N ARG A 22 -4.03 5.52 2.16
CA ARG A 22 -5.14 4.67 1.66
C ARG A 22 -4.79 3.18 1.81
N LEU A 23 -3.61 2.83 1.31
CA LEU A 23 -3.20 1.45 1.02
C LEU A 23 -2.82 0.67 2.28
N GLU A 24 -2.00 1.28 3.15
CA GLU A 24 -1.58 0.66 4.41
C GLU A 24 -2.78 0.47 5.35
N LYS A 25 -3.76 1.39 5.25
CA LYS A 25 -5.03 1.35 6.01
C LYS A 25 -5.85 0.12 5.60
N MET A 26 -5.99 -0.07 4.27
CA MET A 26 -6.70 -1.22 3.68
C MET A 26 -5.95 -2.54 3.93
N CYS A 27 -4.62 -2.46 4.03
CA CYS A 27 -3.75 -3.63 4.24
C CYS A 27 -3.87 -4.19 5.67
N LYS A 28 -4.21 -3.31 6.62
CA LYS A 28 -4.40 -3.70 8.04
C LYS A 28 -5.72 -4.50 8.20
N GLU A 29 -6.85 -3.86 7.87
CA GLU A 29 -8.19 -4.42 8.07
C GLU A 29 -8.55 -5.47 6.99
N GLY A 30 -8.15 -5.18 5.73
CA GLY A 30 -8.52 -6.02 4.59
C GLY A 30 -7.41 -6.98 4.18
N THR A 31 -7.51 -7.52 2.97
CA THR A 31 -6.51 -8.44 2.41
C THR A 31 -5.35 -7.62 1.82
N SER A 32 -4.12 -8.01 2.19
CA SER A 32 -2.89 -7.31 1.77
C SER A 32 -2.70 -7.38 0.24
N GLU A 33 -3.04 -8.54 -0.35
CA GLU A 33 -2.94 -8.76 -1.81
C GLU A 33 -3.79 -7.75 -2.61
N ASP A 34 -4.97 -7.38 -2.08
CA ASP A 34 -5.85 -6.37 -2.72
C ASP A 34 -5.31 -4.94 -2.51
N ALA A 35 -4.67 -4.70 -1.36
CA ALA A 35 -4.10 -3.38 -1.02
C ALA A 35 -2.92 -3.01 -1.95
N GLU A 36 -1.98 -3.96 -2.11
CA GLU A 36 -0.84 -3.80 -3.03
C GLU A 36 -1.28 -3.75 -4.48
N ARG A 37 -2.38 -4.46 -4.81
CA ARG A 37 -2.99 -4.40 -6.16
C ARG A 37 -3.48 -2.97 -6.45
N MET A 38 -4.06 -2.31 -5.42
CA MET A 38 -4.50 -0.91 -5.52
C MET A 38 -3.29 0.05 -5.56
N ALA A 39 -2.13 -0.40 -5.02
CA ALA A 39 -0.85 0.34 -5.13
C ALA A 39 -0.33 0.33 -6.59
N ARG A 40 -0.55 -0.79 -7.26
CA ARG A 40 -0.20 -0.97 -8.69
C ARG A 40 -1.15 -0.16 -9.57
N ASN A 41 -2.42 -0.02 -9.11
CA ASN A 41 -3.44 0.82 -9.79
C ASN A 41 -3.21 2.30 -9.47
N CYS A 42 -2.60 2.57 -8.31
CA CYS A 42 -2.30 3.94 -7.83
C CYS A 42 -1.24 4.57 -8.73
N GLU A 43 -0.09 3.89 -8.84
CA GLU A 43 1.07 4.37 -9.61
C GLU A 43 1.48 3.34 -10.67
N SER A 44 2.00 2.19 -10.22
CA SER A 44 2.53 1.13 -11.11
C SER A 44 2.96 -0.10 -10.29
N ALA A 1 5.15 -9.35 7.85
CA ALA A 1 4.96 -8.33 8.92
C ALA A 1 3.74 -7.44 8.59
N PRO A 2 2.93 -7.02 9.62
CA PRO A 2 1.65 -6.30 9.40
C PRO A 2 1.85 -4.94 8.67
N CYS A 3 1.56 -4.95 7.34
CA CYS A 3 1.56 -3.76 6.46
C CYS A 3 2.96 -3.14 6.27
N GLU A 4 4.00 -3.81 6.82
CA GLU A 4 5.39 -3.33 6.79
C GLU A 4 6.02 -3.58 5.41
N ASP A 5 5.90 -4.83 4.93
CA ASP A 5 6.42 -5.27 3.61
C ASP A 5 5.84 -4.41 2.48
N LEU A 6 4.54 -4.11 2.63
CA LEU A 6 3.78 -3.29 1.69
C LEU A 6 4.23 -1.82 1.79
N LYS A 7 4.59 -1.39 3.02
CA LYS A 7 5.03 0.00 3.30
C LYS A 7 6.41 0.29 2.71
N GLU A 8 7.25 -0.75 2.64
CA GLU A 8 8.59 -0.66 2.03
C GLU A 8 8.48 -0.55 0.50
N ARG A 9 7.37 -1.07 -0.06
CA ARG A 9 6.99 -0.83 -1.46
C ARG A 9 6.55 0.64 -1.60
N LEU A 10 5.68 1.11 -0.68
CA LEU A 10 5.07 2.47 -0.73
C LEU A 10 6.14 3.57 -0.81
N LYS A 11 7.21 3.42 0.00
CA LYS A 11 8.31 4.41 0.05
C LYS A 11 9.12 4.43 -1.27
N LYS A 12 9.31 3.23 -1.87
CA LYS A 12 10.06 3.08 -3.11
C LYS A 12 9.24 3.54 -4.33
N LEU A 13 7.90 3.33 -4.25
CA LEU A 13 6.99 3.65 -5.36
C LEU A 13 6.81 5.18 -5.48
N GLY A 14 7.05 5.91 -4.35
CA GLY A 14 6.99 7.36 -4.32
C GLY A 14 5.66 7.92 -4.79
N MET A 15 4.57 7.35 -4.25
CA MET A 15 3.21 7.74 -4.59
C MET A 15 2.79 8.94 -3.75
N SER A 16 1.50 9.29 -3.82
CA SER A 16 0.87 10.25 -2.93
C SER A 16 1.02 9.75 -1.48
N GLU A 17 1.37 10.65 -0.55
CA GLU A 17 1.52 10.31 0.88
C GLU A 17 0.14 9.84 1.42
N GLU A 18 -0.93 10.40 0.85
CA GLU A 18 -2.32 9.99 1.11
C GLU A 18 -2.59 8.57 0.58
N CYS A 19 -1.97 8.21 -0.57
CA CYS A 19 -2.21 6.91 -1.23
C CYS A 19 -1.81 5.79 -0.26
N ARG A 20 -0.62 5.98 0.35
CA ARG A 20 -0.07 5.08 1.39
C ARG A 20 -1.11 4.81 2.47
N GLN A 21 -1.65 5.91 3.01
CA GLN A 21 -2.55 5.88 4.16
C GLN A 21 -3.82 5.07 3.83
N ARG A 22 -4.24 5.15 2.56
CA ARG A 22 -5.37 4.41 2.01
C ARG A 22 -5.04 2.90 1.84
N LEU A 23 -3.79 2.62 1.45
CA LEU A 23 -3.32 1.26 1.13
C LEU A 23 -3.03 0.44 2.39
N GLU A 24 -2.39 1.09 3.37
CA GLU A 24 -2.23 0.58 4.74
C GLU A 24 -3.61 0.30 5.37
N LYS A 25 -4.61 1.14 5.05
CA LYS A 25 -6.02 0.95 5.49
C LYS A 25 -6.62 -0.32 4.87
N MET A 26 -6.36 -0.52 3.56
CA MET A 26 -6.82 -1.73 2.82
C MET A 26 -6.10 -2.98 3.33
N CYS A 27 -4.84 -2.80 3.76
CA CYS A 27 -3.99 -3.88 4.30
C CYS A 27 -4.54 -4.41 5.63
N LYS A 28 -4.97 -3.48 6.50
CA LYS A 28 -5.46 -3.80 7.85
C LYS A 28 -6.91 -4.31 7.79
N GLU A 29 -7.82 -3.41 7.38
CA GLU A 29 -9.29 -3.62 7.46
C GLU A 29 -9.87 -4.29 6.19
N GLY A 30 -8.99 -4.81 5.34
CA GLY A 30 -9.38 -5.58 4.16
C GLY A 30 -8.40 -6.73 3.92
N THR A 31 -7.60 -6.62 2.86
CA THR A 31 -6.56 -7.59 2.49
C THR A 31 -5.34 -6.82 1.97
N SER A 32 -4.15 -7.24 2.43
CA SER A 32 -2.87 -6.65 1.97
C SER A 32 -2.61 -7.01 0.48
N GLU A 33 -3.27 -8.07 0.00
CA GLU A 33 -3.18 -8.52 -1.41
C GLU A 33 -3.92 -7.56 -2.36
N ASP A 34 -5.10 -7.06 -1.92
CA ASP A 34 -5.83 -5.99 -2.66
C ASP A 34 -5.19 -4.62 -2.44
N ALA A 35 -4.47 -4.46 -1.31
CA ALA A 35 -3.77 -3.21 -0.98
C ALA A 35 -2.54 -3.02 -1.88
N GLU A 36 -1.79 -4.11 -2.13
CA GLU A 36 -0.63 -4.08 -3.04
C GLU A 36 -1.11 -4.00 -4.51
N ARG A 37 -2.28 -4.61 -4.76
CA ARG A 37 -2.99 -4.53 -6.04
C ARG A 37 -3.29 -3.05 -6.38
N MET A 38 -3.83 -2.31 -5.40
CA MET A 38 -4.14 -0.88 -5.56
C MET A 38 -2.87 -0.02 -5.46
N ALA A 39 -1.81 -0.54 -4.82
CA ALA A 39 -0.51 0.17 -4.70
C ALA A 39 0.19 0.32 -6.05
N ARG A 40 0.21 -0.78 -6.81
CA ARG A 40 0.83 -0.82 -8.14
C ARG A 40 -0.12 -0.27 -9.23
N ASN A 41 -1.34 0.12 -8.82
CA ASN A 41 -2.34 0.78 -9.70
C ASN A 41 -2.79 2.13 -9.11
N CYS A 42 -2.02 2.62 -8.12
CA CYS A 42 -2.26 3.93 -7.47
C CYS A 42 -2.00 5.06 -8.45
N GLU A 43 -0.78 5.07 -9.00
CA GLU A 43 -0.31 6.05 -9.98
C GLU A 43 0.64 5.34 -10.93
N SER A 44 1.72 4.79 -10.34
CA SER A 44 2.72 3.98 -11.05
C SER A 44 2.36 2.48 -10.92
N ALA A 1 6.17 -10.31 9.00
CA ALA A 1 5.79 -8.89 9.07
C ALA A 1 4.30 -8.72 8.70
N PRO A 2 3.51 -7.87 9.44
CA PRO A 2 2.07 -7.67 9.14
C PRO A 2 1.82 -6.96 7.80
N CYS A 3 2.37 -5.74 7.66
CA CYS A 3 2.18 -4.91 6.46
C CYS A 3 3.45 -4.08 6.17
N GLU A 4 4.59 -4.51 6.76
CA GLU A 4 5.88 -3.81 6.65
C GLU A 4 6.43 -3.91 5.21
N ASP A 5 6.24 -5.09 4.62
CA ASP A 5 6.65 -5.40 3.25
C ASP A 5 5.91 -4.51 2.23
N LEU A 6 4.64 -4.21 2.54
CA LEU A 6 3.81 -3.31 1.73
C LEU A 6 4.30 -1.87 1.89
N LYS A 7 4.45 -1.46 3.16
CA LYS A 7 4.76 -0.09 3.55
C LYS A 7 6.12 0.38 2.99
N GLU A 8 7.09 -0.54 2.96
CA GLU A 8 8.43 -0.23 2.43
C GLU A 8 8.39 -0.01 0.91
N ARG A 9 7.43 -0.68 0.21
CA ARG A 9 7.15 -0.42 -1.24
C ARG A 9 6.66 1.03 -1.42
N LEU A 10 5.71 1.41 -0.54
CA LEU A 10 4.99 2.70 -0.62
C LEU A 10 5.98 3.89 -0.55
N LYS A 11 6.99 3.75 0.34
CA LYS A 11 8.05 4.77 0.52
C LYS A 11 9.11 4.69 -0.60
N LYS A 12 9.53 3.45 -0.93
CA LYS A 12 10.67 3.17 -1.87
C LYS A 12 10.34 3.62 -3.30
N LEU A 13 9.10 3.30 -3.72
CA LEU A 13 8.59 3.63 -5.05
C LEU A 13 8.14 5.09 -5.09
N GLY A 14 7.85 5.64 -3.90
CA GLY A 14 7.55 7.06 -3.74
C GLY A 14 6.25 7.50 -4.39
N MET A 15 5.13 6.99 -3.88
CA MET A 15 3.78 7.40 -4.29
C MET A 15 3.32 8.58 -3.41
N SER A 16 2.07 9.02 -3.58
CA SER A 16 1.50 10.09 -2.75
C SER A 16 1.33 9.61 -1.30
N GLU A 17 1.45 10.55 -0.35
CA GLU A 17 1.21 10.27 1.08
C GLU A 17 -0.22 9.76 1.29
N GLU A 18 -1.17 10.31 0.49
CA GLU A 18 -2.57 9.87 0.47
C GLU A 18 -2.67 8.42 -0.02
N CYS A 19 -1.87 8.07 -1.07
CA CYS A 19 -1.90 6.73 -1.67
C CYS A 19 -1.61 5.70 -0.59
N ARG A 20 -0.50 5.92 0.14
CA ARG A 20 -0.04 5.02 1.20
C ARG A 20 -1.11 4.79 2.27
N GLN A 21 -1.65 5.92 2.77
CA GLN A 21 -2.61 5.92 3.87
C GLN A 21 -3.88 5.12 3.51
N ARG A 22 -4.24 5.13 2.21
CA ARG A 22 -5.31 4.30 1.64
C ARG A 22 -4.92 2.80 1.67
N LEU A 23 -3.68 2.50 1.26
CA LEU A 23 -3.21 1.13 1.02
C LEU A 23 -2.96 0.35 2.31
N GLU A 24 -2.27 1.00 3.26
CA GLU A 24 -2.09 0.50 4.63
C GLU A 24 -3.45 0.19 5.27
N LYS A 25 -4.43 1.09 5.03
CA LYS A 25 -5.76 0.99 5.61
C LYS A 25 -6.51 -0.23 5.06
N MET A 26 -6.32 -0.52 3.75
CA MET A 26 -6.91 -1.71 3.10
C MET A 26 -6.19 -2.98 3.56
N CYS A 27 -4.90 -2.84 3.87
CA CYS A 27 -4.04 -3.94 4.33
C CYS A 27 -4.40 -4.38 5.75
N LYS A 28 -4.64 -3.40 6.62
CA LYS A 28 -4.88 -3.63 8.06
C LYS A 28 -6.36 -3.96 8.30
N GLU A 29 -7.22 -3.23 7.59
CA GLU A 29 -8.68 -3.41 7.64
C GLU A 29 -9.15 -3.99 6.30
N GLY A 30 -8.73 -5.23 6.04
CA GLY A 30 -9.02 -5.93 4.79
C GLY A 30 -7.90 -6.89 4.44
N THR A 31 -7.38 -6.82 3.20
CA THR A 31 -6.28 -7.68 2.73
C THR A 31 -5.15 -6.83 2.12
N SER A 32 -3.90 -7.20 2.41
CA SER A 32 -2.69 -6.65 1.77
C SER A 32 -2.63 -7.06 0.28
N GLU A 33 -3.38 -8.14 -0.05
CA GLU A 33 -3.54 -8.66 -1.41
C GLU A 33 -4.20 -7.60 -2.31
N ASP A 34 -5.31 -7.02 -1.83
CA ASP A 34 -6.04 -5.96 -2.54
C ASP A 34 -5.35 -4.59 -2.36
N ALA A 35 -4.58 -4.44 -1.27
CA ALA A 35 -3.81 -3.23 -1.00
C ALA A 35 -2.69 -3.04 -2.04
N GLU A 36 -1.98 -4.14 -2.37
CA GLU A 36 -0.90 -4.11 -3.39
C GLU A 36 -1.51 -4.03 -4.81
N ARG A 37 -2.72 -4.60 -4.98
CA ARG A 37 -3.53 -4.42 -6.21
C ARG A 37 -3.84 -2.94 -6.45
N MET A 38 -4.27 -2.24 -5.39
CA MET A 38 -4.59 -0.81 -5.46
C MET A 38 -3.31 0.03 -5.57
N ALA A 39 -2.19 -0.51 -5.04
CA ALA A 39 -0.89 0.18 -5.06
C ALA A 39 -0.35 0.33 -6.48
N ARG A 40 -0.43 -0.78 -7.23
CA ARG A 40 0.05 -0.85 -8.61
C ARG A 40 -0.89 -0.08 -9.56
N ASN A 41 -2.17 0.05 -9.17
CA ASN A 41 -3.19 0.80 -9.96
C ASN A 41 -3.34 2.25 -9.45
N CYS A 42 -2.69 2.56 -8.33
CA CYS A 42 -2.64 3.93 -7.77
C CYS A 42 -1.69 4.78 -8.62
N GLU A 43 -0.40 4.41 -8.58
CA GLU A 43 0.69 5.17 -9.24
C GLU A 43 1.81 4.21 -9.66
N SER A 44 2.40 3.55 -8.65
CA SER A 44 3.59 2.71 -8.82
C SER A 44 3.20 1.23 -8.68
N ALA A 1 4.77 -10.96 9.07
CA ALA A 1 4.73 -9.50 8.85
C ALA A 1 3.36 -9.12 8.21
N PRO A 2 2.55 -8.22 8.85
CA PRO A 2 1.21 -7.85 8.34
C PRO A 2 1.25 -6.94 7.08
N CYS A 3 1.84 -5.74 7.22
CA CYS A 3 1.84 -4.71 6.16
C CYS A 3 3.24 -4.10 5.99
N GLU A 4 4.27 -4.89 6.32
CA GLU A 4 5.67 -4.42 6.30
C GLU A 4 6.23 -4.41 4.88
N ASP A 5 5.99 -5.49 4.13
CA ASP A 5 6.34 -5.58 2.69
C ASP A 5 5.65 -4.47 1.91
N LEU A 6 4.36 -4.28 2.23
CA LEU A 6 3.52 -3.23 1.64
C LEU A 6 4.02 -1.82 2.02
N LYS A 7 4.50 -1.66 3.28
CA LYS A 7 4.96 -0.34 3.79
C LYS A 7 6.29 0.05 3.13
N GLU A 8 7.12 -0.96 2.83
CA GLU A 8 8.35 -0.78 2.04
C GLU A 8 8.04 -0.39 0.58
N ARG A 9 6.89 -0.88 0.06
CA ARG A 9 6.40 -0.50 -1.28
C ARG A 9 5.88 0.94 -1.29
N LEU A 10 5.37 1.43 -0.14
CA LEU A 10 4.91 2.82 0.00
C LEU A 10 6.09 3.79 -0.21
N LYS A 11 7.24 3.48 0.42
CA LYS A 11 8.46 4.31 0.30
C LYS A 11 9.21 4.08 -1.03
N LYS A 12 9.17 2.83 -1.56
CA LYS A 12 9.92 2.43 -2.78
C LYS A 12 9.29 3.10 -4.02
N LEU A 13 7.95 3.10 -4.05
CA LEU A 13 7.17 3.76 -5.12
C LEU A 13 7.15 5.29 -4.91
N GLY A 14 7.45 5.73 -3.66
CA GLY A 14 7.45 7.15 -3.30
C GLY A 14 6.11 7.82 -3.63
N MET A 15 5.03 7.15 -3.20
CA MET A 15 3.67 7.43 -3.66
C MET A 15 3.08 8.70 -3.00
N SER A 16 1.85 9.05 -3.41
CA SER A 16 1.11 10.18 -2.84
C SER A 16 0.87 9.98 -1.34
N GLU A 17 0.74 11.09 -0.60
CA GLU A 17 0.46 11.05 0.84
C GLU A 17 -0.96 10.50 1.09
N GLU A 18 -1.82 10.58 0.06
CA GLU A 18 -3.13 9.91 0.08
C GLU A 18 -2.94 8.40 -0.12
N CYS A 19 -2.01 8.03 -1.05
CA CYS A 19 -1.86 6.66 -1.51
C CYS A 19 -1.49 5.74 -0.35
N ARG A 20 -0.41 6.10 0.36
CA ARG A 20 0.10 5.29 1.48
C ARG A 20 -0.88 5.22 2.67
N GLN A 21 -1.63 6.30 2.93
CA GLN A 21 -2.65 6.34 4.01
C GLN A 21 -3.86 5.45 3.67
N ARG A 22 -4.18 5.38 2.37
CA ARG A 22 -5.20 4.46 1.85
C ARG A 22 -4.75 3.01 2.03
N LEU A 23 -3.51 2.72 1.60
CA LEU A 23 -3.01 1.35 1.42
C LEU A 23 -2.69 0.64 2.74
N GLU A 24 -2.19 1.39 3.75
CA GLU A 24 -2.05 0.89 5.13
C GLU A 24 -3.43 0.49 5.68
N LYS A 25 -4.46 1.30 5.37
CA LYS A 25 -5.86 1.06 5.83
C LYS A 25 -6.45 -0.17 5.12
N MET A 26 -6.20 -0.26 3.81
CA MET A 26 -6.70 -1.34 2.95
C MET A 26 -6.02 -2.67 3.32
N CYS A 27 -4.77 -2.58 3.79
CA CYS A 27 -3.96 -3.75 4.16
C CYS A 27 -4.42 -4.38 5.48
N LYS A 28 -4.67 -3.54 6.50
CA LYS A 28 -4.96 -4.02 7.87
C LYS A 28 -6.46 -4.28 8.05
N GLU A 29 -7.27 -3.29 7.65
CA GLU A 29 -8.75 -3.33 7.80
C GLU A 29 -9.42 -4.07 6.61
N GLY A 30 -8.61 -4.56 5.66
CA GLY A 30 -9.07 -5.43 4.58
C GLY A 30 -8.11 -6.58 4.37
N THR A 31 -7.28 -6.50 3.31
CA THR A 31 -6.21 -7.48 3.00
C THR A 31 -5.03 -6.77 2.30
N SER A 32 -3.79 -7.20 2.64
CA SER A 32 -2.56 -6.73 1.96
C SER A 32 -2.61 -7.05 0.46
N GLU A 33 -3.27 -8.19 0.12
CA GLU A 33 -3.38 -8.72 -1.26
C GLU A 33 -3.98 -7.67 -2.22
N ASP A 34 -5.11 -7.12 -1.78
CA ASP A 34 -5.88 -6.13 -2.55
C ASP A 34 -5.13 -4.79 -2.59
N ALA A 35 -4.58 -4.40 -1.43
CA ALA A 35 -3.92 -3.09 -1.24
C ALA A 35 -2.61 -2.96 -2.06
N GLU A 36 -1.85 -4.06 -2.21
CA GLU A 36 -0.60 -4.08 -3.00
C GLU A 36 -0.93 -4.07 -4.52
N ARG A 37 -2.08 -4.70 -4.87
CA ARG A 37 -2.63 -4.63 -6.22
C ARG A 37 -3.14 -3.21 -6.54
N MET A 38 -3.62 -2.50 -5.50
CA MET A 38 -4.05 -1.10 -5.62
C MET A 38 -2.84 -0.16 -5.65
N ALA A 39 -1.71 -0.60 -5.04
CA ALA A 39 -0.44 0.14 -5.06
C ALA A 39 0.13 0.24 -6.49
N ARG A 40 0.07 -0.89 -7.22
CA ARG A 40 0.58 -0.99 -8.59
C ARG A 40 -0.39 -0.40 -9.64
N ASN A 41 -1.46 0.29 -9.15
CA ASN A 41 -2.40 1.04 -10.01
C ASN A 41 -2.54 2.50 -9.49
N CYS A 42 -2.21 2.71 -8.20
CA CYS A 42 -2.41 3.99 -7.49
C CYS A 42 -1.60 5.12 -8.14
N GLU A 43 -0.32 4.83 -8.39
CA GLU A 43 0.64 5.78 -8.98
C GLU A 43 0.91 5.41 -10.44
N SER A 44 1.38 4.17 -10.64
CA SER A 44 1.82 3.67 -11.95
C SER A 44 1.34 2.19 -12.12
N ALA A 1 5.94 -9.98 6.85
CA ALA A 1 5.57 -9.01 7.90
C ALA A 1 4.20 -8.38 7.60
N PRO A 2 3.34 -8.12 8.63
CA PRO A 2 1.95 -7.63 8.44
C PRO A 2 1.90 -6.18 7.92
N CYS A 3 1.73 -6.03 6.59
CA CYS A 3 1.61 -4.73 5.89
C CYS A 3 2.91 -3.89 5.93
N GLU A 4 3.99 -4.47 6.50
CA GLU A 4 5.26 -3.75 6.73
C GLU A 4 6.13 -3.77 5.48
N ASP A 5 6.18 -4.94 4.78
CA ASP A 5 6.91 -5.09 3.50
C ASP A 5 6.33 -4.14 2.46
N LEU A 6 5.00 -4.06 2.49
CA LEU A 6 4.22 -3.21 1.60
C LEU A 6 4.50 -1.73 1.92
N LYS A 7 4.43 -1.38 3.23
CA LYS A 7 4.63 -0.01 3.74
C LYS A 7 6.03 0.55 3.38
N GLU A 8 7.07 -0.30 3.53
CA GLU A 8 8.46 0.09 3.27
C GLU A 8 8.71 0.21 1.75
N ARG A 9 7.90 -0.50 0.95
CA ARG A 9 7.91 -0.37 -0.52
C ARG A 9 7.21 0.93 -0.94
N LEU A 10 6.20 1.39 -0.16
CA LEU A 10 5.43 2.62 -0.47
C LEU A 10 6.33 3.87 -0.46
N LYS A 11 7.27 3.89 0.49
CA LYS A 11 8.30 4.95 0.59
C LYS A 11 9.43 4.72 -0.43
N LYS A 12 9.68 3.44 -0.78
CA LYS A 12 10.80 3.04 -1.67
C LYS A 12 10.54 3.48 -3.13
N LEU A 13 9.32 3.27 -3.64
CA LEU A 13 8.95 3.70 -5.00
C LEU A 13 8.44 5.17 -4.95
N GLY A 14 8.01 5.58 -3.74
CA GLY A 14 7.60 6.96 -3.48
C GLY A 14 6.38 7.36 -4.29
N MET A 15 5.21 6.86 -3.89
CA MET A 15 3.94 7.16 -4.55
C MET A 15 3.30 8.40 -3.93
N SER A 16 2.00 8.64 -4.18
CA SER A 16 1.26 9.69 -3.49
C SER A 16 1.27 9.41 -1.97
N GLU A 17 1.47 10.47 -1.16
CA GLU A 17 1.58 10.35 0.30
C GLU A 17 0.26 9.78 0.87
N GLU A 18 -0.85 10.26 0.29
CA GLU A 18 -2.20 9.80 0.65
C GLU A 18 -2.46 8.37 0.12
N CYS A 19 -1.79 7.97 -1.00
CA CYS A 19 -1.94 6.61 -1.58
C CYS A 19 -1.63 5.59 -0.51
N ARG A 20 -0.49 5.79 0.17
CA ARG A 20 0.00 4.96 1.28
C ARG A 20 -1.09 4.76 2.33
N GLN A 21 -1.65 5.92 2.76
CA GLN A 21 -2.63 5.98 3.84
C GLN A 21 -3.87 5.12 3.52
N ARG A 22 -4.19 5.07 2.22
CA ARG A 22 -5.26 4.23 1.67
C ARG A 22 -4.84 2.74 1.69
N LEU A 23 -3.61 2.46 1.22
CA LEU A 23 -3.12 1.09 0.98
C LEU A 23 -2.90 0.33 2.29
N GLU A 24 -2.11 0.92 3.19
CA GLU A 24 -1.84 0.37 4.53
C GLU A 24 -3.16 0.05 5.26
N LYS A 25 -4.16 0.92 5.06
CA LYS A 25 -5.48 0.82 5.71
C LYS A 25 -6.26 -0.39 5.14
N MET A 26 -6.31 -0.51 3.79
CA MET A 26 -6.99 -1.62 3.09
C MET A 26 -6.33 -2.97 3.41
N CYS A 27 -5.01 -2.93 3.65
CA CYS A 27 -4.20 -4.10 4.02
C CYS A 27 -4.64 -4.68 5.38
N LYS A 28 -5.01 -3.78 6.32
CA LYS A 28 -5.41 -4.16 7.70
C LYS A 28 -6.90 -4.59 7.74
N GLU A 29 -7.77 -3.75 7.12
CA GLU A 29 -9.22 -4.00 7.02
C GLU A 29 -9.49 -5.31 6.28
N GLY A 30 -9.06 -5.34 5.01
CA GLY A 30 -9.13 -6.53 4.19
C GLY A 30 -7.83 -7.32 4.27
N THR A 31 -7.21 -7.54 3.11
CA THR A 31 -5.92 -8.23 3.02
C THR A 31 -4.92 -7.32 2.29
N SER A 32 -3.64 -7.70 2.34
CA SER A 32 -2.57 -6.99 1.64
C SER A 32 -2.75 -7.08 0.12
N GLU A 33 -3.46 -8.15 -0.35
CA GLU A 33 -3.79 -8.37 -1.78
C GLU A 33 -4.73 -7.28 -2.32
N ASP A 34 -5.48 -6.61 -1.43
CA ASP A 34 -6.26 -5.40 -1.77
C ASP A 34 -5.31 -4.22 -2.01
N ALA A 35 -4.40 -4.02 -1.04
CA ALA A 35 -3.50 -2.85 -0.97
C ALA A 35 -2.52 -2.80 -2.16
N GLU A 36 -1.89 -3.93 -2.46
CA GLU A 36 -0.90 -4.04 -3.56
C GLU A 36 -1.59 -3.92 -4.93
N ARG A 37 -2.83 -4.42 -5.01
CA ARG A 37 -3.68 -4.32 -6.21
C ARG A 37 -4.03 -2.85 -6.47
N MET A 38 -4.28 -2.14 -5.36
CA MET A 38 -4.62 -0.72 -5.39
C MET A 38 -3.36 0.14 -5.57
N ALA A 39 -2.17 -0.42 -5.24
CA ALA A 39 -0.87 0.25 -5.49
C ALA A 39 -0.58 0.33 -7.00
N ARG A 40 -0.81 -0.80 -7.68
CA ARG A 40 -0.70 -0.90 -9.16
C ARG A 40 -1.98 -0.39 -9.85
N ASN A 41 -2.96 0.12 -9.06
CA ASN A 41 -4.16 0.84 -9.56
C ASN A 41 -4.22 2.27 -8.99
N CYS A 42 -3.09 2.76 -8.43
CA CYS A 42 -3.01 4.10 -7.82
C CYS A 42 -2.50 5.13 -8.86
N GLU A 43 -1.17 5.18 -9.04
CA GLU A 43 -0.49 6.05 -10.03
C GLU A 43 0.90 5.47 -10.38
N SER A 44 1.20 4.28 -9.82
CA SER A 44 2.46 3.56 -10.03
C SER A 44 2.31 2.59 -11.23
N ALA A 1 7.80 -9.78 7.18
CA ALA A 1 7.13 -8.91 8.18
C ALA A 1 5.65 -8.66 7.79
N PRO A 2 4.68 -8.67 8.78
CA PRO A 2 3.22 -8.57 8.49
C PRO A 2 2.81 -7.21 7.87
N CYS A 3 2.79 -7.16 6.51
CA CYS A 3 2.37 -5.98 5.70
C CYS A 3 3.34 -4.78 5.86
N GLU A 4 4.46 -5.02 6.54
CA GLU A 4 5.48 -4.00 6.83
C GLU A 4 6.35 -3.81 5.57
N ASP A 5 6.64 -4.94 4.89
CA ASP A 5 7.35 -4.93 3.58
C ASP A 5 6.51 -4.20 2.53
N LEU A 6 5.19 -4.45 2.56
CA LEU A 6 4.21 -3.82 1.66
C LEU A 6 4.23 -2.30 1.87
N LYS A 7 4.12 -1.89 3.14
CA LYS A 7 4.21 -0.49 3.58
C LYS A 7 5.50 0.20 3.03
N GLU A 8 6.61 -0.54 3.11
CA GLU A 8 7.93 -0.04 2.67
C GLU A 8 8.04 0.01 1.14
N ARG A 9 7.26 -0.83 0.43
CA ARG A 9 7.13 -0.74 -1.04
C ARG A 9 6.59 0.64 -1.41
N LEU A 10 5.51 1.04 -0.72
CA LEU A 10 4.73 2.26 -1.00
C LEU A 10 5.61 3.52 -0.88
N LYS A 11 6.37 3.56 0.22
CA LYS A 11 7.25 4.69 0.59
C LYS A 11 8.46 4.77 -0.37
N LYS A 12 9.06 3.61 -0.66
CA LYS A 12 10.23 3.49 -1.57
C LYS A 12 9.84 3.89 -3.00
N LEU A 13 8.64 3.49 -3.39
CA LEU A 13 8.12 3.63 -4.77
C LEU A 13 7.82 5.12 -5.05
N GLY A 14 7.59 5.89 -3.98
CA GLY A 14 7.41 7.34 -4.07
C GLY A 14 6.07 7.71 -4.67
N MET A 15 5.01 7.11 -4.14
CA MET A 15 3.63 7.45 -4.47
C MET A 15 3.18 8.66 -3.64
N SER A 16 1.92 9.09 -3.83
CA SER A 16 1.32 10.19 -3.04
C SER A 16 1.30 9.82 -1.54
N GLU A 17 1.31 10.85 -0.67
CA GLU A 17 1.17 10.64 0.79
C GLU A 17 -0.22 10.07 1.10
N GLU A 18 -1.23 10.46 0.33
CA GLU A 18 -2.56 9.89 0.46
C GLU A 18 -2.58 8.44 -0.06
N CYS A 19 -1.72 8.15 -1.07
CA CYS A 19 -1.69 6.82 -1.72
C CYS A 19 -1.29 5.76 -0.71
N ARG A 20 -0.14 5.97 -0.02
CA ARG A 20 0.37 5.02 0.98
C ARG A 20 -0.58 4.92 2.20
N GLN A 21 -1.13 6.06 2.65
CA GLN A 21 -2.09 6.13 3.79
C GLN A 21 -3.40 5.34 3.47
N ARG A 22 -3.75 5.28 2.18
CA ARG A 22 -4.91 4.51 1.69
C ARG A 22 -4.60 3.00 1.68
N LEU A 23 -3.40 2.65 1.19
CA LEU A 23 -3.01 1.26 0.90
C LEU A 23 -2.69 0.46 2.17
N GLU A 24 -1.95 1.08 3.11
CA GLU A 24 -1.69 0.51 4.45
C GLU A 24 -3.03 0.18 5.13
N LYS A 25 -4.01 1.08 4.94
CA LYS A 25 -5.35 0.96 5.50
C LYS A 25 -6.13 -0.19 4.82
N MET A 26 -6.01 -0.29 3.48
CA MET A 26 -6.60 -1.40 2.68
C MET A 26 -6.06 -2.75 3.13
N CYS A 27 -4.80 -2.73 3.57
CA CYS A 27 -4.10 -3.92 4.06
C CYS A 27 -4.64 -4.38 5.43
N LYS A 28 -5.08 -3.42 6.27
CA LYS A 28 -5.62 -3.71 7.62
C LYS A 28 -7.08 -4.22 7.49
N GLU A 29 -7.90 -3.44 6.74
CA GLU A 29 -9.34 -3.68 6.56
C GLU A 29 -9.61 -5.00 5.81
N GLY A 30 -9.09 -5.08 4.58
CA GLY A 30 -9.28 -6.25 3.71
C GLY A 30 -8.16 -7.26 3.88
N THR A 31 -7.19 -7.22 2.95
CA THR A 31 -6.02 -8.11 2.92
C THR A 31 -4.82 -7.32 2.40
N SER A 32 -3.62 -7.90 2.55
CA SER A 32 -2.39 -7.38 1.90
C SER A 32 -2.51 -7.49 0.37
N GLU A 33 -3.40 -8.40 -0.11
CA GLU A 33 -3.71 -8.57 -1.54
C GLU A 33 -4.44 -7.31 -2.07
N ASP A 34 -5.36 -6.74 -1.26
CA ASP A 34 -6.10 -5.50 -1.58
C ASP A 34 -5.15 -4.31 -1.77
N ALA A 35 -4.21 -4.20 -0.84
CA ALA A 35 -3.26 -3.09 -0.77
C ALA A 35 -2.34 -3.04 -1.99
N GLU A 36 -1.71 -4.19 -2.33
CA GLU A 36 -0.82 -4.28 -3.51
C GLU A 36 -1.61 -4.20 -4.82
N ARG A 37 -2.86 -4.72 -4.81
CA ARG A 37 -3.81 -4.66 -5.94
C ARG A 37 -4.07 -3.20 -6.33
N MET A 38 -4.38 -2.37 -5.34
CA MET A 38 -4.68 -0.96 -5.57
C MET A 38 -3.38 -0.17 -5.79
N ALA A 39 -2.27 -0.64 -5.18
CA ALA A 39 -0.95 0.05 -5.22
C ALA A 39 -0.40 0.21 -6.65
N ARG A 40 -0.55 -0.84 -7.46
CA ARG A 40 -0.08 -0.89 -8.85
C ARG A 40 -0.93 0.00 -9.79
N ASN A 41 -2.08 0.51 -9.30
CA ASN A 41 -2.96 1.44 -10.05
C ASN A 41 -3.41 2.62 -9.14
N CYS A 42 -2.65 2.87 -8.06
CA CYS A 42 -2.95 3.96 -7.09
C CYS A 42 -2.38 5.30 -7.60
N GLU A 43 -1.26 5.20 -8.31
CA GLU A 43 -0.55 6.36 -8.89
C GLU A 43 -0.32 6.15 -10.41
N SER A 44 -0.34 4.87 -10.84
CA SER A 44 -0.25 4.49 -12.26
C SER A 44 -1.65 4.59 -12.91
N ALA A 1 4.13 -11.42 8.77
CA ALA A 1 4.53 -10.03 8.47
C ALA A 1 3.27 -9.16 8.30
N PRO A 2 2.82 -8.41 9.37
CA PRO A 2 1.60 -7.59 9.32
C PRO A 2 1.85 -6.25 8.58
N CYS A 3 1.78 -6.32 7.24
CA CYS A 3 1.82 -5.16 6.33
C CYS A 3 3.13 -4.35 6.42
N GLU A 4 4.18 -4.92 7.04
CA GLU A 4 5.48 -4.25 7.22
C GLU A 4 6.23 -4.14 5.88
N ASP A 5 6.15 -5.24 5.09
CA ASP A 5 6.71 -5.30 3.73
C ASP A 5 5.98 -4.31 2.83
N LEU A 6 4.63 -4.38 2.85
CA LEU A 6 3.75 -3.59 1.99
C LEU A 6 3.95 -2.09 2.25
N LYS A 7 3.98 -1.73 3.55
CA LYS A 7 4.11 -0.34 4.03
C LYS A 7 5.35 0.34 3.43
N GLU A 8 6.51 -0.32 3.54
CA GLU A 8 7.78 0.26 3.06
C GLU A 8 7.85 0.24 1.53
N ARG A 9 7.15 -0.73 0.90
CA ARG A 9 6.98 -0.76 -0.57
C ARG A 9 6.18 0.45 -1.04
N LEU A 10 5.27 0.98 -0.19
CA LEU A 10 4.43 2.13 -0.56
C LEU A 10 5.30 3.37 -0.85
N LYS A 11 6.28 3.65 0.03
CA LYS A 11 7.22 4.77 -0.17
C LYS A 11 8.31 4.40 -1.20
N LYS A 12 8.64 3.11 -1.27
CA LYS A 12 9.67 2.57 -2.19
C LYS A 12 9.24 2.75 -3.66
N LEU A 13 7.92 2.60 -3.91
CA LEU A 13 7.32 2.76 -5.25
C LEU A 13 7.28 4.25 -5.66
N GLY A 14 7.35 5.15 -4.65
CA GLY A 14 7.33 6.60 -4.88
C GLY A 14 5.97 7.09 -5.34
N MET A 15 4.91 6.54 -4.70
CA MET A 15 3.51 6.83 -5.03
C MET A 15 3.06 8.21 -4.50
N SER A 16 1.75 8.48 -4.61
CA SER A 16 1.11 9.64 -3.99
C SER A 16 1.07 9.48 -2.46
N GLU A 17 1.22 10.59 -1.72
CA GLU A 17 1.22 10.56 -0.24
C GLU A 17 -0.13 10.13 0.33
N GLU A 18 -1.19 10.39 -0.44
CA GLU A 18 -2.55 10.02 -0.06
C GLU A 18 -2.71 8.50 -0.15
N CYS A 19 -1.96 7.88 -1.10
CA CYS A 19 -2.09 6.45 -1.39
C CYS A 19 -1.65 5.64 -0.20
N ARG A 20 -0.43 5.90 0.35
CA ARG A 20 0.13 5.08 1.47
C ARG A 20 -0.77 5.19 2.72
N GLN A 21 -1.35 6.39 2.93
CA GLN A 21 -2.28 6.67 4.03
C GLN A 21 -3.53 5.78 3.94
N ARG A 22 -4.00 5.53 2.69
CA ARG A 22 -5.13 4.62 2.42
C ARG A 22 -4.67 3.14 2.51
N LEU A 23 -3.53 2.81 1.89
CA LEU A 23 -3.12 1.42 1.59
C LEU A 23 -2.66 0.66 2.82
N GLU A 24 -2.06 1.40 3.77
CA GLU A 24 -1.65 0.86 5.07
C GLU A 24 -2.90 0.42 5.86
N LYS A 25 -4.00 1.17 5.67
CA LYS A 25 -5.32 0.87 6.29
C LYS A 25 -6.00 -0.32 5.58
N MET A 26 -5.92 -0.33 4.24
CA MET A 26 -6.55 -1.37 3.39
C MET A 26 -5.91 -2.74 3.63
N CYS A 27 -4.60 -2.73 3.93
CA CYS A 27 -3.80 -3.93 4.15
C CYS A 27 -4.17 -4.62 5.48
N LYS A 28 -4.39 -3.81 6.55
CA LYS A 28 -4.76 -4.33 7.88
C LYS A 28 -6.21 -4.85 7.85
N GLU A 29 -7.12 -3.93 7.45
CA GLU A 29 -8.58 -4.13 7.49
C GLU A 29 -9.11 -4.85 6.23
N GLY A 30 -8.19 -5.47 5.47
CA GLY A 30 -8.55 -6.30 4.32
C GLY A 30 -7.46 -7.29 4.02
N THR A 31 -6.98 -7.30 2.77
CA THR A 31 -5.92 -8.20 2.30
C THR A 31 -4.79 -7.36 1.69
N SER A 32 -3.55 -7.84 1.89
CA SER A 32 -2.34 -7.18 1.42
C SER A 32 -2.22 -7.27 -0.13
N GLU A 33 -2.71 -8.41 -0.70
CA GLU A 33 -2.70 -8.64 -2.17
C GLU A 33 -3.60 -7.62 -2.90
N ASP A 34 -4.71 -7.23 -2.24
CA ASP A 34 -5.62 -6.19 -2.74
C ASP A 34 -4.99 -4.81 -2.60
N ALA A 35 -4.48 -4.51 -1.39
CA ALA A 35 -3.94 -3.19 -1.05
C ALA A 35 -2.72 -2.81 -1.94
N GLU A 36 -1.90 -3.82 -2.30
CA GLU A 36 -0.77 -3.62 -3.21
C GLU A 36 -1.26 -3.48 -4.67
N ARG A 37 -2.39 -4.14 -5.02
CA ARG A 37 -3.03 -3.98 -6.34
C ARG A 37 -3.57 -2.55 -6.51
N MET A 38 -3.98 -1.94 -5.38
CA MET A 38 -4.40 -0.53 -5.33
C MET A 38 -3.17 0.39 -5.56
N ALA A 39 -1.99 -0.05 -5.04
CA ALA A 39 -0.70 0.60 -5.31
C ALA A 39 -0.35 0.50 -6.81
N ARG A 40 -0.69 -0.66 -7.41
CA ARG A 40 -0.46 -0.94 -8.84
C ARG A 40 -1.40 -0.11 -9.75
N ASN A 41 -2.32 0.69 -9.15
CA ASN A 41 -3.10 1.70 -9.90
C ASN A 41 -3.03 3.09 -9.20
N CYS A 42 -2.00 3.26 -8.34
CA CYS A 42 -1.64 4.57 -7.78
C CYS A 42 -0.50 5.19 -8.60
N GLU A 43 0.70 4.57 -8.57
CA GLU A 43 1.89 5.11 -9.28
C GLU A 43 2.15 4.35 -10.59
N SER A 44 1.92 3.02 -10.59
CA SER A 44 2.09 2.18 -11.80
C SER A 44 1.02 2.55 -12.85
N ALA A 1 5.69 -9.85 7.19
CA ALA A 1 5.48 -8.91 8.31
C ALA A 1 4.14 -8.15 8.11
N PRO A 2 3.28 -8.00 9.18
CA PRO A 2 1.89 -7.47 9.03
C PRO A 2 1.83 -6.06 8.40
N CYS A 3 1.59 -6.05 7.06
CA CYS A 3 1.45 -4.84 6.23
C CYS A 3 2.76 -4.01 6.15
N GLU A 4 3.86 -4.54 6.72
CA GLU A 4 5.12 -3.83 6.81
C GLU A 4 5.84 -3.87 5.47
N ASP A 5 5.94 -5.07 4.85
CA ASP A 5 6.57 -5.24 3.51
C ASP A 5 5.86 -4.35 2.47
N LEU A 6 4.52 -4.29 2.59
CA LEU A 6 3.66 -3.43 1.75
C LEU A 6 4.02 -1.96 2.00
N LYS A 7 4.19 -1.61 3.29
CA LYS A 7 4.58 -0.25 3.73
C LYS A 7 6.00 0.12 3.24
N GLU A 8 6.89 -0.88 3.13
CA GLU A 8 8.24 -0.69 2.58
C GLU A 8 8.16 -0.40 1.09
N ARG A 9 7.19 -1.07 0.41
CA ARG A 9 6.88 -0.80 -1.00
C ARG A 9 6.27 0.60 -1.16
N LEU A 10 5.50 1.05 -0.17
CA LEU A 10 4.86 2.38 -0.20
C LEU A 10 5.92 3.51 -0.19
N LYS A 11 7.01 3.28 0.58
CA LYS A 11 8.17 4.20 0.63
C LYS A 11 9.08 4.02 -0.59
N LYS A 12 9.27 2.75 -1.01
CA LYS A 12 10.13 2.34 -2.15
C LYS A 12 9.63 2.93 -3.48
N LEU A 13 8.30 2.90 -3.63
CA LEU A 13 7.62 3.37 -4.83
C LEU A 13 7.35 4.88 -4.73
N GLY A 14 7.33 5.41 -3.48
CA GLY A 14 7.25 6.85 -3.22
C GLY A 14 6.08 7.54 -3.92
N MET A 15 4.94 6.84 -3.97
CA MET A 15 3.72 7.28 -4.71
C MET A 15 3.03 8.47 -4.00
N SER A 16 1.79 8.78 -4.45
CA SER A 16 0.97 9.87 -3.88
C SER A 16 0.69 9.61 -2.40
N GLU A 17 0.89 10.61 -1.52
CA GLU A 17 0.80 10.44 -0.05
C GLU A 17 -0.53 9.85 0.40
N GLU A 18 -1.62 10.26 -0.26
CA GLU A 18 -2.98 9.80 0.07
C GLU A 18 -3.10 8.30 -0.16
N CYS A 19 -2.33 7.80 -1.16
CA CYS A 19 -2.37 6.41 -1.56
C CYS A 19 -1.82 5.55 -0.44
N ARG A 20 -0.62 5.89 0.08
CA ARG A 20 0.04 5.04 1.12
C ARG A 20 -0.76 5.06 2.42
N GLN A 21 -1.35 6.25 2.73
CA GLN A 21 -2.19 6.44 3.92
C GLN A 21 -3.46 5.58 3.83
N ARG A 22 -3.94 5.35 2.60
CA ARG A 22 -5.05 4.45 2.31
C ARG A 22 -4.61 2.97 2.36
N LEU A 23 -3.49 2.66 1.70
CA LEU A 23 -3.08 1.27 1.40
C LEU A 23 -2.55 0.54 2.63
N GLU A 24 -1.94 1.31 3.55
CA GLU A 24 -1.54 0.83 4.88
C GLU A 24 -2.78 0.34 5.64
N LYS A 25 -3.89 1.10 5.51
CA LYS A 25 -5.16 0.81 6.20
C LYS A 25 -5.89 -0.36 5.52
N MET A 26 -5.92 -0.32 4.17
CA MET A 26 -6.61 -1.31 3.33
C MET A 26 -6.01 -2.71 3.54
N CYS A 27 -4.71 -2.74 3.80
CA CYS A 27 -4.00 -3.98 4.10
C CYS A 27 -4.50 -4.61 5.42
N LYS A 28 -4.77 -3.75 6.42
CA LYS A 28 -5.14 -4.20 7.78
C LYS A 28 -6.63 -4.61 7.86
N GLU A 29 -7.54 -3.66 7.56
CA GLU A 29 -9.00 -3.90 7.66
C GLU A 29 -9.52 -4.70 6.45
N GLY A 30 -8.72 -4.73 5.36
CA GLY A 30 -8.99 -5.56 4.19
C GLY A 30 -7.99 -6.69 4.06
N THR A 31 -7.18 -6.68 2.97
CA THR A 31 -6.13 -7.69 2.70
C THR A 31 -4.89 -7.00 2.12
N SER A 32 -3.70 -7.61 2.36
CA SER A 32 -2.41 -7.08 1.87
C SER A 32 -2.36 -7.10 0.34
N GLU A 33 -2.75 -8.26 -0.24
CA GLU A 33 -2.69 -8.52 -1.69
C GLU A 33 -3.55 -7.51 -2.50
N ASP A 34 -4.69 -7.09 -1.94
CA ASP A 34 -5.60 -6.12 -2.57
C ASP A 34 -5.00 -4.71 -2.54
N ALA A 35 -4.47 -4.32 -1.37
CA ALA A 35 -3.91 -2.97 -1.17
C ALA A 35 -2.68 -2.72 -2.06
N GLU A 36 -1.76 -3.70 -2.11
CA GLU A 36 -0.56 -3.62 -2.98
C GLU A 36 -0.94 -3.61 -4.47
N ARG A 37 -2.08 -4.26 -4.81
CA ARG A 37 -2.64 -4.24 -6.17
C ARG A 37 -3.13 -2.82 -6.50
N MET A 38 -3.85 -2.20 -5.55
CA MET A 38 -4.40 -0.84 -5.69
C MET A 38 -3.27 0.21 -5.68
N ALA A 39 -2.09 -0.18 -5.15
CA ALA A 39 -0.86 0.62 -5.22
C ALA A 39 -0.41 0.79 -6.68
N ARG A 40 -0.51 -0.32 -7.43
CA ARG A 40 -0.18 -0.39 -8.86
C ARG A 40 -1.15 0.48 -9.69
N ASN A 41 -2.40 0.56 -9.20
CA ASN A 41 -3.48 1.35 -9.83
C ASN A 41 -3.37 2.84 -9.45
N CYS A 42 -2.80 3.13 -8.27
CA CYS A 42 -2.55 4.52 -7.83
C CYS A 42 -1.54 5.20 -8.76
N GLU A 43 -0.34 4.58 -8.83
CA GLU A 43 0.82 5.12 -9.55
C GLU A 43 1.96 4.11 -9.43
N SER A 44 2.10 3.55 -8.21
CA SER A 44 3.18 2.64 -7.83
C SER A 44 4.55 3.39 -7.96
N ALA A 1 5.69 -11.49 8.42
CA ALA A 1 5.55 -10.02 8.28
C ALA A 1 4.11 -9.67 7.87
N PRO A 2 3.33 -8.95 8.74
CA PRO A 2 1.89 -8.71 8.49
C PRO A 2 1.62 -7.82 7.26
N CYS A 3 2.34 -6.69 7.14
CA CYS A 3 2.17 -5.75 6.02
C CYS A 3 3.48 -4.98 5.74
N GLU A 4 4.58 -5.51 6.27
CA GLU A 4 5.87 -4.78 6.31
C GLU A 4 6.47 -4.62 4.91
N ASP A 5 6.39 -5.70 4.11
CA ASP A 5 6.84 -5.70 2.70
C ASP A 5 6.08 -4.64 1.88
N LEU A 6 4.76 -4.61 2.11
CA LEU A 6 3.83 -3.70 1.39
C LEU A 6 4.11 -2.24 1.79
N LYS A 7 4.38 -2.04 3.09
CA LYS A 7 4.71 -0.72 3.68
C LYS A 7 5.98 -0.14 3.04
N GLU A 8 6.98 -1.01 2.84
CA GLU A 8 8.24 -0.63 2.19
C GLU A 8 8.00 -0.22 0.73
N ARG A 9 7.06 -0.90 0.05
CA ARG A 9 6.66 -0.55 -1.33
C ARG A 9 6.07 0.87 -1.37
N LEU A 10 5.27 1.21 -0.34
CA LEU A 10 4.59 2.51 -0.25
C LEU A 10 5.61 3.67 -0.17
N LYS A 11 6.62 3.49 0.68
CA LYS A 11 7.63 4.53 0.99
C LYS A 11 8.72 4.62 -0.11
N LYS A 12 9.29 3.45 -0.45
CA LYS A 12 10.50 3.33 -1.30
C LYS A 12 10.19 3.73 -2.76
N LEU A 13 9.00 3.33 -3.24
CA LEU A 13 8.54 3.62 -4.62
C LEU A 13 8.15 5.11 -4.76
N GLY A 14 7.86 5.76 -3.61
CA GLY A 14 7.54 7.18 -3.57
C GLY A 14 6.26 7.52 -4.32
N MET A 15 5.18 6.80 -4.01
CA MET A 15 3.84 7.04 -4.60
C MET A 15 3.20 8.31 -3.99
N SER A 16 1.96 8.63 -4.45
CA SER A 16 1.19 9.77 -3.94
C SER A 16 0.90 9.58 -2.45
N GLU A 17 1.01 10.66 -1.64
CA GLU A 17 0.88 10.58 -0.17
C GLU A 17 -0.53 10.09 0.23
N GLU A 18 -1.51 10.41 -0.63
CA GLU A 18 -2.91 10.04 -0.44
C GLU A 18 -3.08 8.53 -0.55
N CYS A 19 -2.21 7.90 -1.38
CA CYS A 19 -2.28 6.49 -1.69
C CYS A 19 -1.92 5.69 -0.45
N ARG A 20 -0.75 5.97 0.18
CA ARG A 20 -0.24 5.15 1.33
C ARG A 20 -1.23 5.17 2.50
N GLN A 21 -1.92 6.31 2.67
CA GLN A 21 -2.94 6.50 3.71
C GLN A 21 -4.12 5.53 3.50
N ARG A 22 -4.46 5.30 2.23
CA ARG A 22 -5.51 4.37 1.82
C ARG A 22 -4.99 2.92 1.93
N LEU A 23 -3.75 2.68 1.45
CA LEU A 23 -3.22 1.33 1.19
C LEU A 23 -2.85 0.60 2.47
N GLU A 24 -2.15 1.32 3.36
CA GLU A 24 -1.78 0.80 4.68
C GLU A 24 -3.06 0.40 5.45
N LYS A 25 -4.11 1.22 5.29
CA LYS A 25 -5.40 1.03 5.97
C LYS A 25 -6.13 -0.21 5.44
N MET A 26 -6.10 -0.39 4.11
CA MET A 26 -6.70 -1.56 3.45
C MET A 26 -5.92 -2.84 3.77
N CYS A 27 -4.62 -2.68 4.00
CA CYS A 27 -3.71 -3.77 4.36
C CYS A 27 -3.97 -4.24 5.81
N LYS A 28 -4.41 -3.29 6.67
CA LYS A 28 -4.80 -3.57 8.07
C LYS A 28 -6.17 -4.27 8.12
N GLU A 29 -7.20 -3.52 7.68
CA GLU A 29 -8.63 -3.85 7.89
C GLU A 29 -9.24 -4.67 6.73
N GLY A 30 -8.38 -5.30 5.94
CA GLY A 30 -8.80 -6.16 4.84
C GLY A 30 -7.74 -7.20 4.52
N THR A 31 -7.24 -7.17 3.29
CA THR A 31 -6.17 -8.08 2.83
C THR A 31 -5.02 -7.27 2.23
N SER A 32 -3.77 -7.74 2.46
CA SER A 32 -2.57 -7.10 1.92
C SER A 32 -2.57 -7.17 0.37
N GLU A 33 -3.05 -8.30 -0.18
CA GLU A 33 -3.09 -8.51 -1.65
C GLU A 33 -4.00 -7.49 -2.35
N ASP A 34 -5.07 -7.05 -1.66
CA ASP A 34 -5.99 -6.00 -2.17
C ASP A 34 -5.27 -4.64 -2.22
N ALA A 35 -4.56 -4.32 -1.13
CA ALA A 35 -3.89 -3.03 -0.94
C ALA A 35 -2.71 -2.82 -1.90
N GLU A 36 -1.99 -3.92 -2.23
CA GLU A 36 -0.86 -3.87 -3.19
C GLU A 36 -1.35 -3.76 -4.65
N ARG A 37 -2.55 -4.31 -4.93
CA ARG A 37 -3.23 -4.09 -6.21
C ARG A 37 -3.58 -2.59 -6.36
N MET A 38 -4.12 -2.01 -5.30
CA MET A 38 -4.46 -0.58 -5.26
C MET A 38 -3.19 0.29 -5.23
N ALA A 39 -2.05 -0.31 -4.80
CA ALA A 39 -0.73 0.35 -4.81
C ALA A 39 -0.23 0.54 -6.25
N ARG A 40 -0.33 -0.53 -7.06
CA ARG A 40 0.05 -0.46 -8.49
C ARG A 40 -0.99 0.36 -9.29
N ASN A 41 -2.22 0.46 -8.77
CA ASN A 41 -3.29 1.31 -9.34
C ASN A 41 -3.05 2.80 -8.98
N CYS A 42 -2.09 3.05 -8.06
CA CYS A 42 -1.52 4.41 -7.82
C CYS A 42 -0.27 4.62 -8.73
N GLU A 43 -0.24 3.87 -9.87
CA GLU A 43 0.81 3.96 -10.93
C GLU A 43 2.21 3.54 -10.43
N SER A 44 2.26 2.87 -9.28
CA SER A 44 3.51 2.52 -8.61
C SER A 44 4.09 1.20 -9.17
N ALA A 1 6.59 -10.40 8.56
CA ALA A 1 5.98 -9.05 8.67
C ALA A 1 4.74 -8.94 7.77
N PRO A 2 3.49 -8.95 8.37
CA PRO A 2 2.22 -9.01 7.60
C PRO A 2 1.94 -7.78 6.69
N CYS A 3 2.40 -6.59 7.09
CA CYS A 3 2.06 -5.34 6.37
C CYS A 3 3.24 -4.35 6.35
N GLU A 4 4.34 -4.70 7.05
CA GLU A 4 5.57 -3.86 7.13
C GLU A 4 6.27 -3.84 5.77
N ASP A 5 6.35 -5.02 5.14
CA ASP A 5 6.92 -5.18 3.79
C ASP A 5 6.12 -4.33 2.77
N LEU A 6 4.78 -4.35 2.92
CA LEU A 6 3.86 -3.65 2.01
C LEU A 6 4.04 -2.13 2.10
N LYS A 7 4.04 -1.59 3.33
CA LYS A 7 4.09 -0.12 3.55
C LYS A 7 5.43 0.48 3.04
N GLU A 8 6.51 -0.32 3.14
CA GLU A 8 7.84 0.07 2.62
C GLU A 8 7.90 0.03 1.10
N ARG A 9 7.07 -0.83 0.47
CA ARG A 9 6.92 -0.86 -0.99
C ARG A 9 6.16 0.40 -1.47
N LEU A 10 5.21 0.89 -0.65
CA LEU A 10 4.47 2.13 -0.96
C LEU A 10 5.43 3.33 -1.00
N LYS A 11 6.48 3.27 -0.15
CA LYS A 11 7.53 4.30 -0.03
C LYS A 11 8.55 4.19 -1.18
N LYS A 12 9.06 2.96 -1.43
CA LYS A 12 10.15 2.71 -2.41
C LYS A 12 9.65 2.97 -3.85
N LEU A 13 8.42 2.51 -4.13
CA LEU A 13 7.80 2.67 -5.45
C LEU A 13 7.34 4.15 -5.64
N GLY A 14 7.11 4.85 -4.51
CA GLY A 14 6.94 6.30 -4.51
C GLY A 14 5.59 6.78 -5.03
N MET A 15 4.54 6.56 -4.23
CA MET A 15 3.19 7.06 -4.50
C MET A 15 2.96 8.40 -3.78
N SER A 16 1.71 8.87 -3.80
CA SER A 16 1.26 10.00 -2.98
C SER A 16 1.11 9.51 -1.53
N GLU A 17 1.36 10.39 -0.53
CA GLU A 17 1.21 10.01 0.87
C GLU A 17 -0.23 9.58 1.17
N GLU A 18 -1.21 10.24 0.53
CA GLU A 18 -2.63 9.87 0.66
C GLU A 18 -2.86 8.43 0.16
N CYS A 19 -2.12 8.02 -0.89
CA CYS A 19 -2.22 6.67 -1.46
C CYS A 19 -1.86 5.66 -0.38
N ARG A 20 -0.76 5.91 0.36
CA ARG A 20 -0.34 5.05 1.49
C ARG A 20 -1.43 5.01 2.56
N GLN A 21 -1.95 6.20 2.89
CA GLN A 21 -2.91 6.39 3.99
C GLN A 21 -4.15 5.52 3.74
N ARG A 22 -4.46 5.34 2.44
CA ARG A 22 -5.48 4.40 1.96
C ARG A 22 -4.98 2.94 2.14
N LEU A 23 -3.80 2.65 1.57
CA LEU A 23 -3.33 1.27 1.31
C LEU A 23 -2.85 0.52 2.55
N GLU A 24 -2.03 1.19 3.38
CA GLU A 24 -1.60 0.65 4.69
C GLU A 24 -2.82 0.23 5.50
N LYS A 25 -3.85 1.08 5.46
CA LYS A 25 -5.07 0.93 6.22
C LYS A 25 -5.85 -0.28 5.69
N MET A 26 -6.08 -0.33 4.36
CA MET A 26 -6.80 -1.43 3.67
C MET A 26 -6.10 -2.79 3.85
N CYS A 27 -4.76 -2.74 3.97
CA CYS A 27 -3.90 -3.91 4.22
C CYS A 27 -4.18 -4.52 5.60
N LYS A 28 -4.50 -3.65 6.57
CA LYS A 28 -4.81 -4.03 7.97
C LYS A 28 -6.34 -4.18 8.19
N GLU A 29 -7.16 -3.55 7.32
CA GLU A 29 -8.63 -3.63 7.39
C GLU A 29 -9.13 -4.94 6.77
N GLY A 30 -8.41 -5.40 5.72
CA GLY A 30 -8.80 -6.58 4.96
C GLY A 30 -7.61 -7.39 4.50
N THR A 31 -7.14 -7.13 3.27
CA THR A 31 -6.08 -7.93 2.62
C THR A 31 -4.95 -7.02 2.14
N SER A 32 -3.71 -7.51 2.32
CA SER A 32 -2.51 -6.88 1.79
C SER A 32 -2.50 -6.96 0.25
N GLU A 33 -2.96 -8.11 -0.30
CA GLU A 33 -3.02 -8.38 -1.76
C GLU A 33 -3.78 -7.28 -2.53
N ASP A 34 -4.88 -6.80 -1.94
CA ASP A 34 -5.74 -5.75 -2.56
C ASP A 34 -5.12 -4.35 -2.41
N ALA A 35 -4.41 -4.12 -1.29
CA ALA A 35 -3.74 -2.84 -1.02
C ALA A 35 -2.57 -2.62 -2.02
N GLU A 36 -1.72 -3.64 -2.17
CA GLU A 36 -0.57 -3.61 -3.09
C GLU A 36 -1.05 -3.66 -4.56
N ARG A 37 -2.22 -4.30 -4.81
CA ARG A 37 -2.87 -4.28 -6.13
C ARG A 37 -3.22 -2.83 -6.51
N MET A 38 -3.91 -2.13 -5.60
CA MET A 38 -4.30 -0.73 -5.84
C MET A 38 -3.07 0.18 -6.01
N ALA A 39 -1.94 -0.19 -5.35
CA ALA A 39 -0.66 0.52 -5.47
C ALA A 39 -0.16 0.56 -6.93
N ARG A 40 -0.18 -0.60 -7.60
CA ARG A 40 0.33 -0.74 -8.99
C ARG A 40 -0.66 -0.22 -10.06
N ASN A 41 -1.68 0.54 -9.63
CA ASN A 41 -2.53 1.35 -10.53
C ASN A 41 -2.81 2.74 -9.93
N CYS A 42 -2.28 2.99 -8.70
CA CYS A 42 -2.39 4.30 -8.02
C CYS A 42 -1.26 5.22 -8.49
N GLU A 43 -0.03 4.70 -8.40
CA GLU A 43 1.20 5.45 -8.76
C GLU A 43 1.64 5.10 -10.19
N SER A 44 1.45 3.82 -10.57
CA SER A 44 1.80 3.31 -11.91
C SER A 44 0.69 3.65 -12.91
N ALA A 1 3.83 -12.19 7.69
CA ALA A 1 4.18 -10.76 7.55
C ALA A 1 2.90 -9.88 7.63
N PRO A 2 2.78 -8.95 8.64
CA PRO A 2 1.52 -8.17 8.86
C PRO A 2 1.15 -7.25 7.68
N CYS A 3 2.01 -6.26 7.37
CA CYS A 3 1.75 -5.26 6.29
C CYS A 3 3.08 -4.61 5.85
N GLU A 4 4.19 -5.28 6.20
CA GLU A 4 5.56 -4.75 6.04
C GLU A 4 5.99 -4.72 4.55
N ASP A 5 5.63 -5.78 3.80
CA ASP A 5 5.91 -5.90 2.36
C ASP A 5 5.27 -4.74 1.60
N LEU A 6 4.05 -4.37 2.04
CA LEU A 6 3.31 -3.25 1.48
C LEU A 6 4.06 -1.94 1.75
N LYS A 7 4.33 -1.67 3.06
CA LYS A 7 4.85 -0.38 3.56
C LYS A 7 6.17 0.02 2.90
N GLU A 8 7.11 -0.93 2.84
CA GLU A 8 8.47 -0.67 2.33
C GLU A 8 8.46 -0.44 0.80
N ARG A 9 7.47 -1.03 0.11
CA ARG A 9 7.22 -0.74 -1.31
C ARG A 9 6.51 0.61 -1.49
N LEU A 10 5.66 1.03 -0.51
CA LEU A 10 4.90 2.30 -0.61
C LEU A 10 5.87 3.49 -0.57
N LYS A 11 6.84 3.43 0.36
CA LYS A 11 7.85 4.49 0.53
C LYS A 11 8.87 4.48 -0.64
N LYS A 12 9.17 3.27 -1.16
CA LYS A 12 10.12 3.07 -2.27
C LYS A 12 9.54 3.60 -3.59
N LEU A 13 8.23 3.34 -3.77
CA LEU A 13 7.50 3.66 -5.00
C LEU A 13 7.27 5.19 -5.08
N GLY A 14 7.29 5.86 -3.90
CA GLY A 14 7.16 7.31 -3.82
C GLY A 14 5.83 7.83 -4.36
N MET A 15 4.74 7.14 -3.96
CA MET A 15 3.37 7.47 -4.37
C MET A 15 2.88 8.71 -3.61
N SER A 16 1.64 9.13 -3.92
CA SER A 16 0.99 10.26 -3.22
C SER A 16 0.88 9.96 -1.72
N GLU A 17 0.99 11.00 -0.87
CA GLU A 17 0.93 10.82 0.59
C GLU A 17 -0.42 10.25 1.03
N GLU A 18 -1.47 10.61 0.28
CA GLU A 18 -2.82 10.08 0.46
C GLU A 18 -2.87 8.57 0.15
N CYS A 19 -2.02 8.12 -0.82
CA CYS A 19 -2.09 6.76 -1.36
C CYS A 19 -1.74 5.75 -0.26
N ARG A 20 -0.61 5.98 0.44
CA ARG A 20 -0.11 5.02 1.47
C ARG A 20 -1.11 4.94 2.64
N GLN A 21 -1.78 6.07 2.92
CA GLN A 21 -2.83 6.15 3.95
C GLN A 21 -4.01 5.26 3.58
N ARG A 22 -4.36 5.26 2.29
CA ARG A 22 -5.46 4.44 1.74
C ARG A 22 -5.05 2.96 1.77
N LEU A 23 -3.79 2.67 1.39
CA LEU A 23 -3.33 1.30 1.17
C LEU A 23 -3.10 0.56 2.50
N GLU A 24 -2.36 1.19 3.45
CA GLU A 24 -2.17 0.63 4.81
C GLU A 24 -3.53 0.40 5.51
N LYS A 25 -4.53 1.24 5.20
CA LYS A 25 -5.87 1.13 5.79
C LYS A 25 -6.54 -0.16 5.26
N MET A 26 -6.54 -0.30 3.92
CA MET A 26 -7.10 -1.48 3.22
C MET A 26 -6.38 -2.79 3.61
N CYS A 27 -5.09 -2.65 3.92
CA CYS A 27 -4.21 -3.76 4.31
C CYS A 27 -4.55 -4.32 5.69
N LYS A 28 -4.67 -3.40 6.66
CA LYS A 28 -4.86 -3.76 8.08
C LYS A 28 -6.34 -4.10 8.39
N GLU A 29 -7.26 -3.59 7.56
CA GLU A 29 -8.70 -3.93 7.63
C GLU A 29 -8.97 -5.21 6.83
N GLY A 30 -8.73 -5.14 5.50
CA GLY A 30 -8.92 -6.26 4.59
C GLY A 30 -7.67 -7.14 4.52
N THR A 31 -6.93 -7.05 3.40
CA THR A 31 -5.70 -7.84 3.17
C THR A 31 -4.62 -6.96 2.57
N SER A 32 -3.35 -7.33 2.82
CA SER A 32 -2.17 -6.68 2.22
C SER A 32 -2.22 -6.82 0.69
N GLU A 33 -2.78 -7.96 0.21
CA GLU A 33 -2.88 -8.28 -1.22
C GLU A 33 -3.85 -7.33 -1.94
N ASP A 34 -4.93 -6.97 -1.23
CA ASP A 34 -5.96 -6.02 -1.71
C ASP A 34 -5.34 -4.62 -1.90
N ALA A 35 -4.51 -4.22 -0.94
CA ALA A 35 -3.85 -2.91 -0.90
C ALA A 35 -2.75 -2.78 -1.98
N GLU A 36 -1.85 -3.78 -2.04
CA GLU A 36 -0.68 -3.78 -2.96
C GLU A 36 -1.13 -3.86 -4.42
N ARG A 37 -2.29 -4.50 -4.65
CA ARG A 37 -2.94 -4.53 -5.97
C ARG A 37 -3.19 -3.10 -6.46
N MET A 38 -3.81 -2.28 -5.59
CA MET A 38 -4.08 -0.87 -5.86
C MET A 38 -2.78 -0.03 -5.93
N ALA A 39 -1.73 -0.46 -5.21
CA ALA A 39 -0.42 0.25 -5.18
C ALA A 39 0.22 0.30 -6.58
N ARG A 40 0.13 -0.83 -7.31
CA ARG A 40 0.69 -0.96 -8.67
C ARG A 40 -0.26 -0.43 -9.77
N ASN A 41 -1.30 0.35 -9.37
CA ASN A 41 -2.10 1.18 -10.32
C ASN A 41 -2.48 2.52 -9.68
N CYS A 42 -1.94 2.80 -8.49
CA CYS A 42 -2.24 4.05 -7.73
C CYS A 42 -1.65 5.28 -8.44
N GLU A 43 -0.47 5.10 -9.03
CA GLU A 43 0.32 6.19 -9.60
C GLU A 43 1.30 5.62 -10.62
N SER A 44 2.11 4.66 -10.15
CA SER A 44 3.03 3.90 -11.00
C SER A 44 2.28 2.73 -11.66
N ALA A 1 4.40 -11.66 7.12
CA ALA A 1 4.87 -10.43 7.79
C ALA A 1 3.72 -9.38 7.81
N PRO A 2 3.62 -8.51 8.88
CA PRO A 2 2.53 -7.52 9.02
C PRO A 2 2.65 -6.34 8.01
N CYS A 3 2.25 -6.62 6.74
CA CYS A 3 2.09 -5.62 5.69
C CYS A 3 3.43 -4.99 5.29
N GLU A 4 4.54 -5.68 5.61
CA GLU A 4 5.92 -5.17 5.43
C GLU A 4 6.25 -4.95 3.93
N ASP A 5 5.92 -5.96 3.11
CA ASP A 5 6.11 -5.93 1.64
C ASP A 5 5.39 -4.73 0.99
N LEU A 6 4.19 -4.45 1.50
CA LEU A 6 3.33 -3.35 1.03
C LEU A 6 3.86 -2.01 1.55
N LYS A 7 4.23 -2.00 2.84
CA LYS A 7 4.61 -0.77 3.57
C LYS A 7 5.95 -0.21 3.06
N GLU A 8 6.85 -1.11 2.63
CA GLU A 8 8.11 -0.72 2.01
C GLU A 8 7.85 -0.19 0.58
N ARG A 9 6.81 -0.71 -0.11
CA ARG A 9 6.40 -0.20 -1.44
C ARG A 9 5.99 1.27 -1.37
N LEU A 10 5.40 1.68 -0.23
CA LEU A 10 4.93 3.07 -0.03
C LEU A 10 6.10 4.07 -0.14
N LYS A 11 7.18 3.76 0.61
CA LYS A 11 8.38 4.61 0.69
C LYS A 11 9.31 4.41 -0.54
N LYS A 12 9.33 3.18 -1.08
CA LYS A 12 10.26 2.78 -2.16
C LYS A 12 9.81 3.36 -3.49
N LEU A 13 8.50 3.30 -3.73
CA LEU A 13 7.88 3.79 -4.96
C LEU A 13 7.75 5.32 -4.91
N GLY A 14 7.69 5.88 -3.66
CA GLY A 14 7.58 7.32 -3.44
C GLY A 14 6.27 7.89 -3.98
N MET A 15 5.15 7.23 -3.62
CA MET A 15 3.80 7.60 -4.06
C MET A 15 3.30 8.84 -3.28
N SER A 16 2.04 9.20 -3.49
CA SER A 16 1.39 10.25 -2.72
C SER A 16 1.22 9.81 -1.25
N GLU A 17 1.22 10.76 -0.31
CA GLU A 17 0.88 10.48 1.10
C GLU A 17 -0.55 9.95 1.19
N GLU A 18 -1.42 10.56 0.37
CA GLU A 18 -2.82 10.16 0.19
C GLU A 18 -2.91 8.69 -0.24
N CYS A 19 -1.99 8.28 -1.17
CA CYS A 19 -1.96 6.92 -1.70
C CYS A 19 -1.72 5.95 -0.54
N ARG A 20 -0.65 6.23 0.26
CA ARG A 20 -0.24 5.42 1.41
C ARG A 20 -1.39 5.22 2.39
N GLN A 21 -1.99 6.35 2.81
CA GLN A 21 -3.02 6.38 3.86
C GLN A 21 -4.25 5.54 3.45
N ARG A 22 -4.49 5.46 2.12
CA ARG A 22 -5.52 4.60 1.52
C ARG A 22 -5.10 3.11 1.61
N LEU A 23 -3.82 2.83 1.28
CA LEU A 23 -3.29 1.47 1.11
C LEU A 23 -3.04 0.76 2.45
N GLU A 24 -2.42 1.48 3.40
CA GLU A 24 -2.26 1.03 4.79
C GLU A 24 -3.61 0.61 5.36
N LYS A 25 -4.64 1.43 5.07
CA LYS A 25 -6.00 1.22 5.60
C LYS A 25 -6.59 -0.06 5.01
N MET A 26 -6.56 -0.14 3.66
CA MET A 26 -7.06 -1.31 2.90
C MET A 26 -6.38 -2.63 3.35
N CYS A 27 -5.08 -2.51 3.71
CA CYS A 27 -4.27 -3.64 4.21
C CYS A 27 -4.74 -4.08 5.61
N LYS A 28 -5.09 -3.07 6.44
CA LYS A 28 -5.56 -3.30 7.83
C LYS A 28 -7.02 -3.79 7.85
N GLU A 29 -7.82 -3.42 6.84
CA GLU A 29 -9.23 -3.86 6.73
C GLU A 29 -9.27 -5.33 6.31
N GLY A 30 -8.68 -5.61 5.14
CA GLY A 30 -8.58 -6.97 4.62
C GLY A 30 -7.20 -7.54 4.86
N THR A 31 -6.43 -7.67 3.78
CA THR A 31 -5.05 -8.18 3.81
C THR A 31 -4.15 -7.29 2.94
N SER A 32 -2.84 -7.56 3.00
CA SER A 32 -1.85 -6.90 2.16
C SER A 32 -2.12 -7.11 0.66
N GLU A 33 -2.73 -8.27 0.33
CA GLU A 33 -2.95 -8.70 -1.06
C GLU A 33 -3.88 -7.73 -1.82
N ASP A 34 -4.93 -7.24 -1.11
CA ASP A 34 -5.92 -6.31 -1.70
C ASP A 34 -5.26 -4.97 -2.04
N ALA A 35 -4.61 -4.40 -1.03
CA ALA A 35 -4.08 -3.04 -1.06
C ALA A 35 -2.79 -2.91 -1.90
N GLU A 36 -1.99 -4.01 -1.98
CA GLU A 36 -0.74 -4.01 -2.78
C GLU A 36 -1.07 -3.87 -4.28
N ARG A 37 -2.22 -4.46 -4.69
CA ARG A 37 -2.73 -4.33 -6.05
C ARG A 37 -3.11 -2.88 -6.33
N MET A 38 -3.76 -2.24 -5.35
CA MET A 38 -4.16 -0.84 -5.41
C MET A 38 -2.91 0.08 -5.39
N ALA A 39 -1.80 -0.42 -4.81
CA ALA A 39 -0.50 0.27 -4.81
C ALA A 39 0.12 0.23 -6.21
N ARG A 40 -0.10 -0.89 -6.91
CA ARG A 40 0.36 -1.08 -8.29
C ARG A 40 -0.57 -0.32 -9.26
N ASN A 41 -1.82 -0.07 -8.81
CA ASN A 41 -2.82 0.73 -9.57
C ASN A 41 -2.59 2.23 -9.36
N CYS A 42 -1.97 2.55 -8.20
CA CYS A 42 -1.57 3.91 -7.82
C CYS A 42 -0.51 4.42 -8.80
N GLU A 43 0.66 3.75 -8.82
CA GLU A 43 1.76 4.07 -9.74
C GLU A 43 2.23 2.78 -10.45
N SER A 44 2.99 1.94 -9.71
CA SER A 44 3.73 0.80 -10.30
C SER A 44 3.94 -0.31 -9.23
N ALA A 1 4.30 -11.07 8.59
CA ALA A 1 4.40 -9.75 7.93
C ALA A 1 3.02 -9.26 7.46
N PRO A 2 2.32 -8.39 8.26
CA PRO A 2 0.98 -7.86 7.90
C PRO A 2 1.05 -6.85 6.73
N CYS A 3 1.59 -5.65 7.00
CA CYS A 3 1.66 -4.53 6.04
C CYS A 3 3.11 -4.13 5.77
N GLU A 4 4.08 -4.96 6.22
CA GLU A 4 5.53 -4.66 6.09
C GLU A 4 5.95 -4.57 4.61
N ASP A 5 5.50 -5.57 3.82
CA ASP A 5 5.77 -5.66 2.36
C ASP A 5 5.13 -4.48 1.62
N LEU A 6 3.91 -4.17 2.07
CA LEU A 6 3.05 -3.11 1.51
C LEU A 6 3.73 -1.73 1.71
N LYS A 7 4.10 -1.39 2.97
CA LYS A 7 4.56 -0.03 3.37
C LYS A 7 5.91 0.33 2.75
N GLU A 8 6.82 -0.67 2.67
CA GLU A 8 8.15 -0.49 2.05
C GLU A 8 8.02 -0.15 0.56
N ARG A 9 7.10 -0.88 -0.11
CA ARG A 9 6.81 -0.73 -1.53
C ARG A 9 6.27 0.69 -1.83
N LEU A 10 5.49 1.23 -0.85
CA LEU A 10 4.89 2.58 -0.96
C LEU A 10 5.98 3.66 -1.04
N LYS A 11 7.00 3.51 -0.17
CA LYS A 11 8.12 4.46 -0.06
C LYS A 11 9.16 4.29 -1.18
N LYS A 12 9.27 3.05 -1.70
CA LYS A 12 10.20 2.69 -2.80
C LYS A 12 9.66 3.24 -4.13
N LEU A 13 8.34 3.11 -4.33
CA LEU A 13 7.65 3.72 -5.50
C LEU A 13 7.57 5.26 -5.31
N GLY A 14 7.68 5.71 -4.04
CA GLY A 14 7.71 7.13 -3.70
C GLY A 14 6.42 7.83 -4.10
N MET A 15 5.30 7.19 -3.75
CA MET A 15 3.96 7.51 -4.28
C MET A 15 3.34 8.73 -3.58
N SER A 16 2.04 8.95 -3.82
CA SER A 16 1.26 9.96 -3.11
C SER A 16 1.06 9.52 -1.64
N GLU A 17 1.20 10.48 -0.71
CA GLU A 17 0.94 10.25 0.73
C GLU A 17 -0.50 9.74 0.96
N GLU A 18 -1.45 10.27 0.15
CA GLU A 18 -2.88 9.96 0.26
C GLU A 18 -3.12 8.50 -0.13
N CYS A 19 -2.37 8.05 -1.18
CA CYS A 19 -2.40 6.64 -1.62
C CYS A 19 -2.04 5.74 -0.45
N ARG A 20 -0.90 6.03 0.21
CA ARG A 20 -0.38 5.22 1.33
C ARG A 20 -1.41 5.04 2.43
N GLN A 21 -1.96 6.19 2.87
CA GLN A 21 -2.94 6.26 3.97
C GLN A 21 -4.17 5.35 3.69
N ARG A 22 -4.52 5.22 2.40
CA ARG A 22 -5.58 4.33 1.90
C ARG A 22 -5.13 2.85 1.95
N LEU A 23 -3.88 2.59 1.54
CA LEU A 23 -3.35 1.23 1.27
C LEU A 23 -3.04 0.48 2.57
N GLU A 24 -2.36 1.18 3.51
CA GLU A 24 -2.11 0.72 4.88
C GLU A 24 -3.44 0.41 5.59
N LYS A 25 -4.51 1.17 5.25
CA LYS A 25 -5.85 0.99 5.80
C LYS A 25 -6.50 -0.28 5.23
N MET A 26 -6.33 -0.45 3.90
CA MET A 26 -6.87 -1.62 3.17
C MET A 26 -6.19 -2.92 3.59
N CYS A 27 -4.92 -2.81 4.01
CA CYS A 27 -4.11 -3.92 4.51
C CYS A 27 -4.59 -4.38 5.91
N LYS A 28 -4.78 -3.41 6.81
CA LYS A 28 -5.09 -3.66 8.25
C LYS A 28 -6.58 -4.02 8.46
N GLU A 29 -7.44 -3.29 7.74
CA GLU A 29 -8.92 -3.42 7.84
C GLU A 29 -9.49 -4.25 6.68
N GLY A 30 -8.62 -4.93 5.92
CA GLY A 30 -9.03 -5.83 4.85
C GLY A 30 -7.94 -6.84 4.53
N THR A 31 -7.38 -6.77 3.31
CA THR A 31 -6.35 -7.72 2.83
C THR A 31 -5.13 -6.97 2.29
N SER A 32 -3.94 -7.48 2.62
CA SER A 32 -2.65 -6.88 2.26
C SER A 32 -2.35 -7.12 0.76
N GLU A 33 -2.83 -8.25 0.22
CA GLU A 33 -2.67 -8.63 -1.19
C GLU A 33 -3.45 -7.69 -2.11
N ASP A 34 -4.66 -7.26 -1.66
CA ASP A 34 -5.48 -6.29 -2.41
C ASP A 34 -4.98 -4.85 -2.19
N ALA A 35 -4.33 -4.61 -1.03
CA ALA A 35 -3.73 -3.30 -0.70
C ALA A 35 -2.54 -3.01 -1.64
N GLU A 36 -1.67 -4.01 -1.84
CA GLU A 36 -0.50 -3.91 -2.73
C GLU A 36 -0.93 -3.94 -4.21
N ARG A 37 -2.04 -4.65 -4.48
CA ARG A 37 -2.73 -4.66 -5.78
C ARG A 37 -3.22 -3.25 -6.15
N MET A 38 -3.69 -2.48 -5.15
CA MET A 38 -4.11 -1.07 -5.35
C MET A 38 -2.89 -0.14 -5.36
N ALA A 39 -1.81 -0.55 -4.65
CA ALA A 39 -0.57 0.25 -4.48
C ALA A 39 0.12 0.54 -5.82
N ARG A 40 0.18 -0.50 -6.66
CA ARG A 40 0.77 -0.41 -8.01
C ARG A 40 0.03 0.67 -8.84
N ASN A 41 -1.32 0.73 -8.73
CA ASN A 41 -2.16 1.63 -9.59
C ASN A 41 -1.92 3.13 -9.34
N CYS A 42 -1.40 3.47 -8.15
CA CYS A 42 -1.09 4.87 -7.76
C CYS A 42 0.08 5.44 -8.57
N GLU A 43 1.06 4.57 -8.85
CA GLU A 43 2.32 4.94 -9.52
C GLU A 43 2.26 4.54 -11.01
N SER A 44 1.84 3.30 -11.26
CA SER A 44 1.66 2.72 -12.61
C SER A 44 0.64 1.55 -12.54
N ALA A 1 4.22 -12.05 7.79
CA ALA A 1 4.38 -10.57 7.73
C ALA A 1 3.06 -9.92 7.27
N PRO A 2 2.44 -8.99 8.09
CA PRO A 2 1.17 -8.32 7.71
C PRO A 2 1.34 -7.32 6.55
N CYS A 3 2.04 -6.20 6.80
CA CYS A 3 2.21 -5.10 5.84
C CYS A 3 3.66 -4.61 5.87
N GLU A 4 4.61 -5.51 6.24
CA GLU A 4 6.04 -5.16 6.39
C GLU A 4 6.62 -4.70 5.03
N ASP A 5 6.30 -5.45 3.96
CA ASP A 5 6.74 -5.10 2.58
C ASP A 5 5.89 -3.94 2.04
N LEU A 6 4.60 -3.90 2.44
CA LEU A 6 3.61 -2.93 1.96
C LEU A 6 4.02 -1.49 2.34
N LYS A 7 4.40 -1.29 3.61
CA LYS A 7 4.83 0.02 4.14
C LYS A 7 6.13 0.50 3.46
N GLU A 8 6.96 -0.47 3.02
CA GLU A 8 8.16 -0.20 2.23
C GLU A 8 7.80 0.16 0.78
N ARG A 9 6.71 -0.43 0.24
CA ARG A 9 6.19 -0.07 -1.10
C ARG A 9 5.72 1.39 -1.11
N LEU A 10 5.17 1.84 0.02
CA LEU A 10 4.62 3.20 0.17
C LEU A 10 5.74 4.24 -0.02
N LYS A 11 6.84 4.03 0.72
CA LYS A 11 7.98 4.96 0.77
C LYS A 11 8.99 4.77 -0.39
N LYS A 12 9.47 3.53 -0.57
CA LYS A 12 10.57 3.19 -1.52
C LYS A 12 10.13 3.35 -2.99
N LEU A 13 8.91 2.89 -3.29
CA LEU A 13 8.33 2.99 -4.65
C LEU A 13 7.91 4.45 -4.93
N GLY A 14 7.72 5.23 -3.85
CA GLY A 14 7.48 6.68 -3.91
C GLY A 14 6.17 7.04 -4.60
N MET A 15 5.07 6.52 -4.05
CA MET A 15 3.71 6.78 -4.56
C MET A 15 3.14 8.08 -3.94
N SER A 16 1.83 8.35 -4.17
CA SER A 16 1.14 9.50 -3.55
C SER A 16 1.00 9.29 -2.03
N GLU A 17 0.99 10.40 -1.27
CA GLU A 17 0.70 10.39 0.18
C GLU A 17 -0.66 9.72 0.46
N GLU A 18 -1.63 10.00 -0.44
CA GLU A 18 -3.00 9.49 -0.35
C GLU A 18 -2.99 7.98 -0.52
N CYS A 19 -2.20 7.51 -1.52
CA CYS A 19 -2.06 6.09 -1.82
C CYS A 19 -1.54 5.35 -0.58
N ARG A 20 -0.42 5.86 0.00
CA ARG A 20 0.24 5.26 1.18
C ARG A 20 -0.77 5.04 2.32
N GLN A 21 -1.42 6.15 2.69
CA GLN A 21 -2.32 6.23 3.84
C GLN A 21 -3.48 5.23 3.68
N ARG A 22 -4.03 5.18 2.45
CA ARG A 22 -5.11 4.26 2.07
C ARG A 22 -4.65 2.81 2.17
N LEU A 23 -3.46 2.54 1.61
CA LEU A 23 -2.97 1.18 1.35
C LEU A 23 -2.65 0.42 2.64
N GLU A 24 -1.98 1.09 3.58
CA GLU A 24 -1.66 0.49 4.88
C GLU A 24 -2.95 0.30 5.70
N LYS A 25 -3.95 1.20 5.51
CA LYS A 25 -5.26 1.13 6.18
C LYS A 25 -6.05 -0.09 5.64
N MET A 26 -5.95 -0.33 4.32
CA MET A 26 -6.65 -1.44 3.61
C MET A 26 -5.93 -2.77 3.86
N CYS A 27 -4.60 -2.68 4.08
CA CYS A 27 -3.75 -3.84 4.40
C CYS A 27 -4.04 -4.35 5.84
N LYS A 28 -4.40 -3.41 6.74
CA LYS A 28 -4.79 -3.74 8.13
C LYS A 28 -6.25 -4.22 8.13
N GLU A 29 -7.12 -3.34 7.63
CA GLU A 29 -8.57 -3.55 7.57
C GLU A 29 -8.94 -3.98 6.14
N GLY A 30 -8.90 -5.29 5.92
CA GLY A 30 -9.10 -5.89 4.60
C GLY A 30 -7.99 -6.88 4.32
N THR A 31 -7.33 -6.76 3.16
CA THR A 31 -6.20 -7.63 2.78
C THR A 31 -5.07 -6.84 2.11
N SER A 32 -3.83 -7.34 2.29
CA SER A 32 -2.64 -6.89 1.54
C SER A 32 -2.76 -7.32 0.07
N GLU A 33 -3.53 -8.42 -0.12
CA GLU A 33 -3.82 -9.01 -1.43
C GLU A 33 -4.61 -8.05 -2.33
N ASP A 34 -5.54 -7.29 -1.70
CA ASP A 34 -6.32 -6.24 -2.38
C ASP A 34 -5.52 -4.92 -2.44
N ALA A 35 -4.75 -4.64 -1.38
CA ALA A 35 -3.98 -3.39 -1.24
C ALA A 35 -2.93 -3.24 -2.36
N GLU A 36 -2.21 -4.34 -2.67
CA GLU A 36 -1.17 -4.37 -3.72
C GLU A 36 -1.73 -4.00 -5.11
N ARG A 37 -3.03 -4.32 -5.32
CA ARG A 37 -3.76 -4.04 -6.56
C ARG A 37 -3.97 -2.53 -6.74
N MET A 38 -4.23 -1.84 -5.62
CA MET A 38 -4.39 -0.38 -5.60
C MET A 38 -3.01 0.32 -5.60
N ALA A 39 -1.98 -0.41 -5.10
CA ALA A 39 -0.58 0.08 -5.04
C ALA A 39 0.05 0.16 -6.43
N ARG A 40 -0.27 -0.83 -7.29
CA ARG A 40 0.15 -0.82 -8.71
C ARG A 40 -0.66 0.23 -9.50
N ASN A 41 -1.91 0.47 -9.06
CA ASN A 41 -2.88 1.36 -9.73
C ASN A 41 -2.77 2.80 -9.25
N CYS A 42 -1.87 3.07 -8.28
CA CYS A 42 -1.65 4.43 -7.75
C CYS A 42 -1.13 5.37 -8.87
N GLU A 43 0.14 5.19 -9.29
CA GLU A 43 0.80 6.07 -10.29
C GLU A 43 1.69 5.27 -11.27
N SER A 44 1.35 3.98 -11.47
CA SER A 44 2.16 3.07 -12.30
C SER A 44 1.26 2.47 -13.41
N ALA A 1 3.41 -10.39 10.58
CA ALA A 1 3.94 -9.15 9.97
C ALA A 1 2.79 -8.14 9.75
N PRO A 2 2.72 -7.02 10.54
CA PRO A 2 1.68 -5.98 10.40
C PRO A 2 1.92 -5.01 9.21
N CYS A 3 2.02 -5.58 7.98
CA CYS A 3 2.10 -4.84 6.70
C CYS A 3 3.39 -4.01 6.60
N GLU A 4 4.46 -4.48 7.28
CA GLU A 4 5.78 -3.80 7.30
C GLU A 4 6.40 -3.84 5.89
N ASP A 5 6.44 -5.07 5.34
CA ASP A 5 7.01 -5.39 4.02
C ASP A 5 6.33 -4.59 2.90
N LEU A 6 5.00 -4.47 2.98
CA LEU A 6 4.20 -3.81 1.96
C LEU A 6 4.35 -2.28 2.07
N LYS A 7 4.21 -1.76 3.30
CA LYS A 7 4.22 -0.30 3.57
C LYS A 7 5.57 0.36 3.19
N GLU A 8 6.69 -0.35 3.46
CA GLU A 8 8.04 0.16 3.15
C GLU A 8 8.23 0.30 1.63
N ARG A 9 7.61 -0.62 0.85
CA ARG A 9 7.58 -0.54 -0.62
C ARG A 9 6.88 0.74 -1.09
N LEU A 10 5.73 1.07 -0.48
CA LEU A 10 4.89 2.22 -0.88
C LEU A 10 5.70 3.54 -0.81
N LYS A 11 6.43 3.70 0.30
CA LYS A 11 7.23 4.90 0.60
C LYS A 11 8.50 4.94 -0.28
N LYS A 12 9.14 3.76 -0.45
CA LYS A 12 10.38 3.61 -1.23
C LYS A 12 10.09 3.86 -2.72
N LEU A 13 8.90 3.44 -3.18
CA LEU A 13 8.43 3.63 -4.57
C LEU A 13 8.04 5.11 -4.80
N GLY A 14 7.73 5.81 -3.70
CA GLY A 14 7.48 7.24 -3.72
C GLY A 14 6.16 7.60 -4.36
N MET A 15 5.09 6.97 -3.87
CA MET A 15 3.72 7.33 -4.23
C MET A 15 3.28 8.50 -3.34
N SER A 16 2.10 9.06 -3.64
CA SER A 16 1.54 10.20 -2.90
C SER A 16 1.35 9.83 -1.42
N GLU A 17 1.44 10.84 -0.52
CA GLU A 17 1.25 10.62 0.93
C GLU A 17 -0.19 10.16 1.22
N GLU A 18 -1.13 10.49 0.34
CA GLU A 18 -2.48 9.95 0.40
C GLU A 18 -2.50 8.48 -0.09
N CYS A 19 -1.69 8.14 -1.12
CA CYS A 19 -1.70 6.82 -1.78
C CYS A 19 -1.36 5.73 -0.77
N ARG A 20 -0.22 5.90 -0.09
CA ARG A 20 0.28 4.93 0.89
C ARG A 20 -0.64 4.82 2.11
N GLN A 21 -1.31 5.94 2.50
CA GLN A 21 -2.30 5.95 3.61
C GLN A 21 -3.60 5.20 3.24
N ARG A 22 -3.93 5.17 1.92
CA ARG A 22 -5.03 4.36 1.37
C ARG A 22 -4.68 2.86 1.46
N LEU A 23 -3.47 2.54 0.99
CA LEU A 23 -3.02 1.17 0.74
C LEU A 23 -2.70 0.41 2.04
N GLU A 24 -1.99 1.09 2.97
CA GLU A 24 -1.62 0.53 4.28
C GLU A 24 -2.88 0.21 5.12
N LYS A 25 -3.93 1.02 4.89
CA LYS A 25 -5.25 0.88 5.52
C LYS A 25 -5.95 -0.39 5.00
N MET A 26 -5.98 -0.56 3.66
CA MET A 26 -6.59 -1.73 3.00
C MET A 26 -5.77 -3.00 3.30
N CYS A 27 -4.47 -2.82 3.54
CA CYS A 27 -3.50 -3.89 3.79
C CYS A 27 -3.78 -4.62 5.11
N LYS A 28 -4.14 -3.85 6.16
CA LYS A 28 -4.38 -4.41 7.51
C LYS A 28 -5.90 -4.66 7.73
N GLU A 29 -6.74 -3.65 7.44
CA GLU A 29 -8.19 -3.70 7.73
C GLU A 29 -8.98 -4.39 6.59
N GLY A 30 -8.27 -4.77 5.51
CA GLY A 30 -8.81 -5.61 4.45
C GLY A 30 -7.90 -6.82 4.26
N THR A 31 -7.17 -6.85 3.12
CA THR A 31 -6.06 -7.79 2.88
C THR A 31 -4.89 -7.04 2.23
N SER A 32 -3.68 -7.57 2.42
CA SER A 32 -2.48 -7.09 1.72
C SER A 32 -2.60 -7.28 0.19
N GLU A 33 -3.49 -8.22 -0.22
CA GLU A 33 -3.88 -8.45 -1.63
C GLU A 33 -4.62 -7.22 -2.18
N ASP A 34 -5.55 -6.65 -1.36
CA ASP A 34 -6.31 -5.42 -1.71
C ASP A 34 -5.39 -4.19 -1.82
N ALA A 35 -4.33 -4.18 -1.00
CA ALA A 35 -3.34 -3.09 -0.99
C ALA A 35 -2.50 -3.07 -2.27
N GLU A 36 -1.92 -4.23 -2.65
CA GLU A 36 -1.10 -4.35 -3.90
C GLU A 36 -1.99 -4.17 -5.16
N ARG A 37 -3.26 -4.60 -5.03
CA ARG A 37 -4.31 -4.46 -6.06
C ARG A 37 -4.54 -2.97 -6.41
N MET A 38 -4.78 -2.15 -5.38
CA MET A 38 -5.02 -0.72 -5.56
C MET A 38 -3.71 0.05 -5.77
N ALA A 39 -2.57 -0.57 -5.37
CA ALA A 39 -1.22 0.01 -5.55
C ALA A 39 -0.84 0.07 -7.02
N ARG A 40 -1.16 -0.99 -7.79
CA ARG A 40 -0.95 -1.03 -9.25
C ARG A 40 -2.00 -0.19 -10.00
N ASN A 41 -3.00 0.33 -9.26
CA ASN A 41 -3.99 1.31 -9.76
C ASN A 41 -3.59 2.73 -9.33
N CYS A 42 -2.67 2.81 -8.36
CA CYS A 42 -2.11 4.10 -7.90
C CYS A 42 -0.80 4.36 -8.68
N GLU A 43 0.27 3.62 -8.35
CA GLU A 43 1.56 3.64 -9.09
C GLU A 43 1.86 2.24 -9.67
N SER A 44 2.24 1.30 -8.78
CA SER A 44 2.65 -0.07 -9.14
C SER A 44 2.68 -0.94 -7.85
N ALA A 1 7.03 -10.49 6.90
CA ALA A 1 6.52 -9.22 7.44
C ALA A 1 5.02 -9.07 7.11
N PRO A 2 4.12 -8.86 8.14
CA PRO A 2 2.64 -8.83 7.92
C PRO A 2 2.19 -7.70 6.95
N CYS A 3 2.66 -6.48 7.21
CA CYS A 3 2.37 -5.31 6.35
C CYS A 3 3.55 -4.33 6.37
N GLU A 4 4.67 -4.75 7.02
CA GLU A 4 5.89 -3.94 7.16
C GLU A 4 6.57 -3.79 5.81
N ASP A 5 6.76 -4.95 5.13
CA ASP A 5 7.34 -5.03 3.78
C ASP A 5 6.52 -4.20 2.80
N LEU A 6 5.18 -4.31 2.91
CA LEU A 6 4.26 -3.64 1.99
C LEU A 6 4.34 -2.12 2.16
N LYS A 7 4.31 -1.61 3.42
CA LYS A 7 4.32 -0.17 3.70
C LYS A 7 5.64 0.48 3.22
N GLU A 8 6.76 -0.23 3.42
CA GLU A 8 8.09 0.18 2.94
C GLU A 8 8.18 0.09 1.41
N ARG A 9 7.44 -0.87 0.82
CA ARG A 9 7.35 -1.06 -0.64
C ARG A 9 6.65 0.17 -1.26
N LEU A 10 5.66 0.72 -0.53
CA LEU A 10 4.87 1.90 -0.97
C LEU A 10 5.79 3.13 -1.07
N LYS A 11 6.59 3.32 -0.01
CA LYS A 11 7.56 4.43 0.09
C LYS A 11 8.66 4.29 -1.00
N LYS A 12 9.01 3.03 -1.31
CA LYS A 12 10.02 2.67 -2.33
C LYS A 12 9.46 2.84 -3.76
N LEU A 13 8.16 2.51 -3.93
CA LEU A 13 7.50 2.49 -5.25
C LEU A 13 7.04 3.91 -5.65
N GLY A 14 6.85 4.76 -4.62
CA GLY A 14 6.49 6.16 -4.80
C GLY A 14 5.03 6.36 -5.21
N MET A 15 4.18 6.77 -4.25
CA MET A 15 2.84 7.26 -4.51
C MET A 15 2.51 8.42 -3.54
N SER A 16 1.44 9.19 -3.85
CA SER A 16 0.97 10.32 -3.03
C SER A 16 0.73 9.87 -1.58
N GLU A 17 0.88 10.77 -0.59
CA GLU A 17 0.81 10.37 0.84
C GLU A 17 -0.57 9.78 1.18
N GLU A 18 -1.61 10.37 0.56
CA GLU A 18 -3.01 9.92 0.63
C GLU A 18 -3.15 8.45 0.18
N CYS A 19 -2.28 8.06 -0.77
CA CYS A 19 -2.35 6.75 -1.40
C CYS A 19 -1.90 5.70 -0.38
N ARG A 20 -0.71 5.91 0.25
CA ARG A 20 -0.17 4.93 1.22
C ARG A 20 -1.10 4.80 2.41
N GLN A 21 -1.77 5.91 2.76
CA GLN A 21 -2.79 5.94 3.82
C GLN A 21 -3.95 4.98 3.48
N ARG A 22 -4.31 4.93 2.19
CA ARG A 22 -5.37 4.05 1.65
C ARG A 22 -4.87 2.59 1.58
N LEU A 23 -3.59 2.42 1.20
CA LEU A 23 -3.00 1.10 0.93
C LEU A 23 -2.77 0.33 2.23
N GLU A 24 -2.16 1.00 3.23
CA GLU A 24 -1.99 0.43 4.58
C GLU A 24 -3.34 0.14 5.23
N LYS A 25 -4.36 0.97 4.90
CA LYS A 25 -5.72 0.83 5.45
C LYS A 25 -6.34 -0.50 5.00
N MET A 26 -6.12 -0.81 3.72
CA MET A 26 -6.56 -2.07 3.12
C MET A 26 -5.67 -3.25 3.59
N CYS A 27 -4.38 -2.95 3.78
CA CYS A 27 -3.35 -3.93 4.16
C CYS A 27 -3.52 -4.42 5.60
N LYS A 28 -4.14 -3.58 6.44
CA LYS A 28 -4.42 -3.89 7.85
C LYS A 28 -5.89 -4.31 8.00
N GLU A 29 -6.79 -3.34 7.70
CA GLU A 29 -8.25 -3.54 7.81
C GLU A 29 -8.80 -4.02 6.45
N GLY A 30 -8.53 -5.29 6.16
CA GLY A 30 -8.86 -5.94 4.89
C GLY A 30 -7.86 -7.06 4.63
N THR A 31 -7.15 -7.00 3.48
CA THR A 31 -5.98 -7.86 3.18
C THR A 31 -4.94 -7.03 2.41
N SER A 32 -3.65 -7.41 2.55
CA SER A 32 -2.52 -6.79 1.81
C SER A 32 -2.68 -6.95 0.27
N GLU A 33 -3.61 -7.84 -0.13
CA GLU A 33 -4.04 -8.02 -1.52
C GLU A 33 -4.67 -6.72 -2.08
N ASP A 34 -5.65 -6.14 -1.35
CA ASP A 34 -6.35 -4.90 -1.78
C ASP A 34 -5.34 -3.74 -1.94
N ALA A 35 -4.38 -3.72 -1.00
CA ALA A 35 -3.30 -2.74 -0.95
C ALA A 35 -2.42 -2.77 -2.21
N GLU A 36 -1.96 -3.98 -2.60
CA GLU A 36 -1.01 -4.13 -3.72
C GLU A 36 -1.69 -3.87 -5.08
N ARG A 37 -2.99 -4.21 -5.19
CA ARG A 37 -3.78 -3.99 -6.42
C ARG A 37 -3.98 -2.48 -6.66
N MET A 38 -4.23 -1.74 -5.57
CA MET A 38 -4.43 -0.28 -5.64
C MET A 38 -3.05 0.43 -5.77
N ALA A 39 -1.98 -0.20 -5.22
CA ALA A 39 -0.61 0.37 -5.20
C ALA A 39 -0.01 0.49 -6.61
N ARG A 40 -0.14 -0.60 -7.37
CA ARG A 40 0.38 -0.67 -8.76
C ARG A 40 -0.45 0.23 -9.72
N ASN A 41 -1.75 0.37 -9.42
CA ASN A 41 -2.66 1.24 -10.20
C ASN A 41 -2.58 2.71 -9.72
N CYS A 42 -1.95 2.91 -8.55
CA CYS A 42 -1.66 4.25 -8.00
C CYS A 42 -0.41 4.80 -8.70
N GLU A 43 0.79 4.30 -8.28
CA GLU A 43 2.11 4.75 -8.76
C GLU A 43 2.18 6.28 -9.00
N SER A 44 2.53 7.02 -7.94
CA SER A 44 2.62 8.49 -7.91
C SER A 44 1.20 9.11 -7.98
N ALA A 1 4.11 -11.70 8.38
CA ALA A 1 4.18 -10.22 8.50
C ALA A 1 2.85 -9.58 8.03
N PRO A 2 2.25 -8.61 8.79
CA PRO A 2 0.95 -7.99 8.44
C PRO A 2 1.00 -7.14 7.15
N CYS A 3 1.80 -6.05 7.19
CA CYS A 3 1.90 -5.08 6.09
C CYS A 3 3.35 -4.60 5.94
N GLU A 4 4.33 -5.37 6.47
CA GLU A 4 5.75 -4.94 6.57
C GLU A 4 6.39 -4.65 5.21
N ASP A 5 6.28 -5.59 4.25
CA ASP A 5 6.86 -5.46 2.90
C ASP A 5 6.19 -4.33 2.13
N LEU A 6 4.86 -4.26 2.29
CA LEU A 6 3.99 -3.29 1.60
C LEU A 6 4.26 -1.87 2.10
N LYS A 7 4.55 -1.75 3.40
CA LYS A 7 4.88 -0.48 4.08
C LYS A 7 6.15 0.13 3.49
N GLU A 8 7.12 -0.75 3.19
CA GLU A 8 8.38 -0.35 2.57
C GLU A 8 8.20 -0.10 1.07
N ARG A 9 7.19 -0.76 0.44
CA ARG A 9 6.79 -0.47 -0.95
C ARG A 9 6.18 0.93 -1.08
N LEU A 10 5.52 1.40 0.00
CA LEU A 10 4.91 2.73 0.04
C LEU A 10 5.99 3.82 -0.14
N LYS A 11 7.07 3.69 0.64
CA LYS A 11 8.20 4.64 0.62
C LYS A 11 9.17 4.37 -0.56
N LYS A 12 9.27 3.10 -1.01
CA LYS A 12 10.20 2.68 -2.10
C LYS A 12 9.69 3.14 -3.47
N LEU A 13 8.40 2.94 -3.68
CA LEU A 13 7.74 3.25 -4.96
C LEU A 13 7.51 4.78 -4.99
N GLY A 14 7.45 5.40 -3.78
CA GLY A 14 7.29 6.84 -3.63
C GLY A 14 6.04 7.38 -4.30
N MET A 15 4.92 6.68 -4.11
CA MET A 15 3.64 7.03 -4.73
C MET A 15 3.01 8.25 -4.04
N SER A 16 1.75 8.56 -4.38
CA SER A 16 0.98 9.62 -3.72
C SER A 16 0.87 9.31 -2.21
N GLU A 17 1.07 10.34 -1.37
CA GLU A 17 1.04 10.19 0.09
C GLU A 17 -0.33 9.70 0.56
N GLU A 18 -1.38 10.14 -0.16
CA GLU A 18 -2.76 9.79 0.13
C GLU A 18 -3.01 8.32 -0.16
N CYS A 19 -2.40 7.84 -1.27
CA CYS A 19 -2.47 6.44 -1.68
C CYS A 19 -1.95 5.55 -0.55
N ARG A 20 -0.71 5.86 -0.07
CA ARG A 20 0.00 5.06 0.95
C ARG A 20 -0.86 4.81 2.19
N GLN A 21 -1.47 5.92 2.66
CA GLN A 21 -2.33 5.92 3.85
C GLN A 21 -3.61 5.08 3.62
N ARG A 22 -4.16 5.16 2.38
CA ARG A 22 -5.28 4.29 1.95
C ARG A 22 -4.85 2.81 1.93
N LEU A 23 -3.59 2.55 1.51
CA LEU A 23 -3.07 1.20 1.30
C LEU A 23 -2.78 0.49 2.62
N GLU A 24 -2.32 1.26 3.63
CA GLU A 24 -2.24 0.78 5.00
C GLU A 24 -3.64 0.35 5.48
N LYS A 25 -4.65 1.14 5.10
CA LYS A 25 -6.05 0.89 5.51
C LYS A 25 -6.63 -0.34 4.80
N MET A 26 -6.25 -0.54 3.52
CA MET A 26 -6.71 -1.69 2.72
C MET A 26 -6.04 -2.99 3.21
N CYS A 27 -4.81 -2.85 3.72
CA CYS A 27 -4.04 -3.96 4.28
C CYS A 27 -4.62 -4.37 5.65
N LYS A 28 -4.82 -3.37 6.54
CA LYS A 28 -5.17 -3.59 7.96
C LYS A 28 -6.67 -3.94 8.12
N GLU A 29 -7.51 -3.33 7.28
CA GLU A 29 -8.98 -3.51 7.30
C GLU A 29 -9.44 -4.35 6.08
N GLY A 30 -8.50 -5.16 5.55
CA GLY A 30 -8.80 -6.08 4.45
C GLY A 30 -7.68 -7.11 4.34
N THR A 31 -6.91 -7.04 3.24
CA THR A 31 -5.69 -7.86 3.05
C THR A 31 -4.62 -7.00 2.37
N SER A 32 -3.34 -7.35 2.60
CA SER A 32 -2.20 -6.69 1.92
C SER A 32 -2.24 -6.94 0.40
N GLU A 33 -2.87 -8.06 -0.01
CA GLU A 33 -3.08 -8.42 -1.42
C GLU A 33 -3.91 -7.33 -2.14
N ASP A 34 -5.00 -6.87 -1.49
CA ASP A 34 -5.88 -5.80 -2.03
C ASP A 34 -5.14 -4.45 -2.09
N ALA A 35 -4.32 -4.21 -1.05
CA ALA A 35 -3.61 -2.93 -0.87
C ALA A 35 -2.53 -2.73 -1.95
N GLU A 36 -1.72 -3.76 -2.21
CA GLU A 36 -0.69 -3.70 -3.28
C GLU A 36 -1.37 -3.67 -4.67
N ARG A 37 -2.55 -4.31 -4.77
CA ARG A 37 -3.38 -4.25 -5.99
C ARG A 37 -3.88 -2.81 -6.26
N MET A 38 -4.17 -2.05 -5.19
CA MET A 38 -4.54 -0.62 -5.33
C MET A 38 -3.29 0.27 -5.52
N ALA A 39 -2.11 -0.23 -5.05
CA ALA A 39 -0.82 0.48 -5.17
C ALA A 39 -0.37 0.61 -6.62
N ARG A 40 -0.53 -0.49 -7.37
CA ARG A 40 -0.19 -0.57 -8.80
C ARG A 40 -1.14 0.29 -9.66
N ASN A 41 -2.27 0.69 -9.06
CA ASN A 41 -3.28 1.55 -9.73
C ASN A 41 -3.06 3.02 -9.37
N CYS A 42 -2.26 3.28 -8.32
CA CYS A 42 -1.91 4.66 -7.90
C CYS A 42 -0.77 5.21 -8.76
N GLU A 43 0.36 4.45 -8.81
CA GLU A 43 1.64 4.88 -9.40
C GLU A 43 2.19 6.14 -8.68
N SER A 44 1.63 7.31 -9.03
CA SER A 44 1.99 8.64 -8.51
C SER A 44 1.10 9.71 -9.19
N ALA A 1 5.00 -10.93 7.25
CA ALA A 1 4.69 -9.54 7.64
C ALA A 1 3.68 -8.93 6.65
N PRO A 2 2.39 -8.70 7.07
CA PRO A 2 1.32 -8.28 6.13
C PRO A 2 1.51 -6.84 5.60
N CYS A 3 1.94 -5.91 6.49
CA CYS A 3 1.99 -4.47 6.18
C CYS A 3 3.42 -3.92 6.06
N GLU A 4 4.46 -4.69 6.50
CA GLU A 4 5.87 -4.23 6.42
C GLU A 4 6.37 -4.21 4.97
N ASP A 5 6.09 -5.29 4.21
CA ASP A 5 6.45 -5.41 2.77
C ASP A 5 5.76 -4.32 1.96
N LEU A 6 4.52 -4.03 2.35
CA LEU A 6 3.69 -3.01 1.71
C LEU A 6 4.17 -1.60 2.09
N LYS A 7 4.66 -1.46 3.32
CA LYS A 7 5.27 -0.19 3.82
C LYS A 7 6.53 0.11 3.01
N GLU A 8 7.28 -0.95 2.67
CA GLU A 8 8.47 -0.84 1.83
C GLU A 8 8.10 -0.43 0.40
N ARG A 9 6.90 -0.82 -0.06
CA ARG A 9 6.36 -0.36 -1.35
C ARG A 9 6.03 1.14 -1.29
N LEU A 10 5.53 1.60 -0.14
CA LEU A 10 5.21 3.02 0.09
C LEU A 10 6.49 3.88 0.06
N LYS A 11 7.54 3.40 0.73
CA LYS A 11 8.83 4.11 0.86
C LYS A 11 9.64 4.08 -0.46
N LYS A 12 9.83 2.85 -1.01
CA LYS A 12 10.75 2.59 -2.13
C LYS A 12 10.16 3.10 -3.45
N LEU A 13 8.86 2.86 -3.66
CA LEU A 13 8.18 3.26 -4.92
C LEU A 13 7.88 4.76 -4.91
N GLY A 14 7.73 5.34 -3.69
CA GLY A 14 7.49 6.78 -3.52
C GLY A 14 6.26 7.27 -4.28
N MET A 15 5.09 6.77 -3.88
CA MET A 15 3.80 7.13 -4.51
C MET A 15 3.19 8.38 -3.85
N SER A 16 1.92 8.66 -4.15
CA SER A 16 1.18 9.76 -3.51
C SER A 16 0.95 9.44 -2.02
N GLU A 17 0.98 10.48 -1.18
CA GLU A 17 0.77 10.36 0.28
C GLU A 17 -0.63 9.83 0.58
N GLU A 18 -1.60 10.22 -0.28
CA GLU A 18 -3.01 9.83 -0.17
C GLU A 18 -3.12 8.32 -0.37
N CYS A 19 -2.41 7.83 -1.42
CA CYS A 19 -2.41 6.41 -1.79
C CYS A 19 -1.95 5.57 -0.60
N ARG A 20 -0.85 6.01 0.06
CA ARG A 20 -0.27 5.34 1.24
C ARG A 20 -1.32 5.09 2.31
N GLN A 21 -2.04 6.17 2.62
CA GLN A 21 -3.04 6.19 3.70
C GLN A 21 -4.18 5.18 3.42
N ARG A 22 -4.53 5.04 2.12
CA ARG A 22 -5.51 4.03 1.64
C ARG A 22 -4.90 2.63 1.73
N LEU A 23 -3.60 2.52 1.47
CA LEU A 23 -2.89 1.23 1.46
C LEU A 23 -2.62 0.69 2.85
N GLU A 24 -2.48 1.62 3.83
CA GLU A 24 -2.37 1.30 5.25
C GLU A 24 -3.59 0.52 5.65
N LYS A 25 -4.75 1.10 5.33
CA LYS A 25 -6.03 0.62 5.81
C LYS A 25 -6.46 -0.64 5.04
N MET A 26 -6.18 -0.67 3.74
CA MET A 26 -6.46 -1.83 2.88
C MET A 26 -5.57 -3.02 3.30
N CYS A 27 -4.38 -2.74 3.86
CA CYS A 27 -3.54 -3.79 4.46
C CYS A 27 -4.10 -4.25 5.82
N LYS A 28 -4.38 -3.25 6.68
CA LYS A 28 -4.62 -3.45 8.14
C LYS A 28 -6.07 -3.88 8.43
N GLU A 29 -7.04 -2.99 8.14
CA GLU A 29 -8.49 -3.26 8.31
C GLU A 29 -9.10 -3.83 7.01
N GLY A 30 -8.23 -4.25 6.07
CA GLY A 30 -8.65 -4.86 4.80
C GLY A 30 -7.81 -6.10 4.47
N THR A 31 -7.62 -6.37 3.17
CA THR A 31 -6.81 -7.49 2.66
C THR A 31 -5.57 -6.93 1.93
N SER A 32 -4.37 -7.27 2.44
CA SER A 32 -3.06 -6.78 1.92
C SER A 32 -2.83 -7.22 0.46
N GLU A 33 -3.48 -8.33 0.06
CA GLU A 33 -3.38 -8.89 -1.30
C GLU A 33 -4.10 -7.99 -2.33
N ASP A 34 -5.19 -7.33 -1.90
CA ASP A 34 -5.87 -6.30 -2.71
C ASP A 34 -5.10 -4.98 -2.65
N ALA A 35 -4.53 -4.69 -1.47
CA ALA A 35 -3.84 -3.42 -1.19
C ALA A 35 -2.56 -3.26 -2.05
N GLU A 36 -1.79 -4.34 -2.22
CA GLU A 36 -0.57 -4.34 -3.07
C GLU A 36 -0.93 -4.05 -4.54
N ARG A 37 -2.16 -4.44 -4.95
CA ARG A 37 -2.69 -4.16 -6.28
C ARG A 37 -3.03 -2.66 -6.40
N MET A 38 -3.70 -2.11 -5.36
CA MET A 38 -4.07 -0.68 -5.28
C MET A 38 -2.82 0.22 -5.24
N ALA A 39 -1.68 -0.36 -4.78
CA ALA A 39 -0.36 0.31 -4.80
C ALA A 39 0.06 0.63 -6.23
N ARG A 40 -0.19 -0.33 -7.13
CA ARG A 40 0.00 -0.16 -8.57
C ARG A 40 -1.07 0.81 -9.12
N ASN A 41 -2.34 0.62 -8.67
CA ASN A 41 -3.50 1.40 -9.17
C ASN A 41 -3.39 2.90 -8.87
N CYS A 42 -2.59 3.24 -7.83
CA CYS A 42 -2.31 4.64 -7.43
C CYS A 42 -1.75 5.45 -8.60
N GLU A 43 -0.75 4.88 -9.31
CA GLU A 43 -0.03 5.58 -10.39
C GLU A 43 0.56 4.58 -11.39
N SER A 44 1.21 3.52 -10.87
CA SER A 44 1.96 2.52 -11.68
C SER A 44 0.99 1.65 -12.54
N ALA A 1 4.71 -11.67 6.88
CA ALA A 1 3.90 -10.61 7.50
C ALA A 1 2.93 -9.99 6.47
N PRO A 2 1.72 -9.44 6.92
CA PRO A 2 0.67 -8.89 6.02
C PRO A 2 1.19 -7.93 4.91
N CYS A 3 1.71 -6.77 5.36
CA CYS A 3 2.12 -5.67 4.47
C CYS A 3 3.43 -5.04 4.96
N GLU A 4 4.30 -5.87 5.57
CA GLU A 4 5.64 -5.46 5.97
C GLU A 4 6.44 -5.01 4.72
N ASP A 5 6.45 -5.89 3.70
CA ASP A 5 7.13 -5.66 2.41
C ASP A 5 6.50 -4.46 1.68
N LEU A 6 5.15 -4.50 1.63
CA LEU A 6 4.31 -3.50 0.94
C LEU A 6 4.63 -2.07 1.44
N LYS A 7 4.74 -1.93 2.78
CA LYS A 7 4.92 -0.63 3.44
C LYS A 7 6.27 -0.01 3.12
N GLU A 8 7.30 -0.86 3.01
CA GLU A 8 8.66 -0.43 2.64
C GLU A 8 8.70 0.06 1.20
N ARG A 9 7.90 -0.61 0.33
CA ARG A 9 7.73 -0.24 -1.08
C ARG A 9 7.03 1.12 -1.21
N LEU A 10 6.06 1.38 -0.30
CA LEU A 10 5.33 2.66 -0.26
C LEU A 10 6.32 3.82 -0.09
N LYS A 11 7.22 3.65 0.88
CA LYS A 11 8.22 4.66 1.24
C LYS A 11 9.41 4.69 0.25
N LYS A 12 9.68 3.53 -0.39
CA LYS A 12 10.80 3.35 -1.34
C LYS A 12 10.59 4.21 -2.59
N LEU A 13 9.36 4.21 -3.12
CA LEU A 13 8.99 5.00 -4.31
C LEU A 13 8.28 6.30 -3.92
N GLY A 14 7.90 6.38 -2.62
CA GLY A 14 7.36 7.60 -2.02
C GLY A 14 5.85 7.56 -1.98
N MET A 15 5.25 7.49 -3.18
CA MET A 15 3.84 7.46 -3.44
C MET A 15 3.13 8.74 -2.97
N SER A 16 1.95 9.00 -3.54
CA SER A 16 1.08 10.09 -3.10
C SER A 16 0.67 9.80 -1.65
N GLU A 17 0.71 10.84 -0.80
CA GLU A 17 0.39 10.71 0.63
C GLU A 17 -1.01 10.11 0.83
N GLU A 18 -1.91 10.33 -0.15
CA GLU A 18 -3.25 9.77 -0.11
C GLU A 18 -3.19 8.28 -0.48
N CYS A 19 -2.35 7.94 -1.50
CA CYS A 19 -2.25 6.57 -2.02
C CYS A 19 -1.75 5.61 -0.95
N ARG A 20 -0.60 5.91 -0.32
CA ARG A 20 0.01 5.02 0.68
C ARG A 20 -0.87 4.89 1.95
N GLN A 21 -1.60 5.96 2.32
CA GLN A 21 -2.57 5.94 3.45
C GLN A 21 -3.78 5.03 3.12
N ARG A 22 -4.17 4.97 1.82
CA ARG A 22 -5.19 4.01 1.34
C ARG A 22 -4.69 2.58 1.53
N LEU A 23 -3.43 2.34 1.14
CA LEU A 23 -2.85 0.98 1.04
C LEU A 23 -2.62 0.35 2.41
N GLU A 24 -2.10 1.15 3.35
CA GLU A 24 -2.02 0.78 4.77
C GLU A 24 -3.43 0.49 5.30
N LYS A 25 -4.43 1.28 4.85
CA LYS A 25 -5.84 1.14 5.29
C LYS A 25 -6.44 -0.17 4.76
N MET A 26 -6.01 -0.60 3.56
CA MET A 26 -6.48 -1.86 2.96
C MET A 26 -5.77 -3.03 3.68
N CYS A 27 -4.53 -2.79 4.14
CA CYS A 27 -3.72 -3.79 4.87
C CYS A 27 -4.24 -4.02 6.31
N LYS A 28 -4.72 -2.94 6.96
CA LYS A 28 -5.10 -2.98 8.39
C LYS A 28 -6.61 -3.22 8.56
N GLU A 29 -7.39 -2.56 7.69
CA GLU A 29 -8.87 -2.47 7.80
C GLU A 29 -9.55 -3.23 6.64
N GLY A 30 -8.77 -4.08 5.93
CA GLY A 30 -9.30 -4.88 4.82
C GLY A 30 -8.47 -6.15 4.61
N THR A 31 -7.85 -6.27 3.42
CA THR A 31 -6.96 -7.39 3.05
C THR A 31 -5.68 -6.83 2.39
N SER A 32 -4.53 -7.38 2.82
CA SER A 32 -3.19 -7.01 2.33
C SER A 32 -3.01 -7.34 0.83
N GLU A 33 -3.77 -8.36 0.37
CA GLU A 33 -3.75 -8.83 -1.03
C GLU A 33 -4.36 -7.78 -1.97
N ASP A 34 -5.43 -7.10 -1.50
CA ASP A 34 -6.11 -6.04 -2.28
C ASP A 34 -5.32 -4.71 -2.17
N ALA A 35 -4.55 -4.56 -1.08
CA ALA A 35 -3.72 -3.37 -0.83
C ALA A 35 -2.67 -3.17 -1.94
N GLU A 36 -1.95 -4.25 -2.27
CA GLU A 36 -0.94 -4.25 -3.36
C GLU A 36 -1.62 -4.09 -4.73
N ARG A 37 -2.86 -4.60 -4.84
CA ARG A 37 -3.73 -4.45 -6.02
C ARG A 37 -4.07 -2.96 -6.26
N MET A 38 -4.31 -2.21 -5.16
CA MET A 38 -4.59 -0.76 -5.22
C MET A 38 -3.29 0.05 -5.45
N ALA A 39 -2.14 -0.53 -5.03
CA ALA A 39 -0.80 0.09 -5.19
C ALA A 39 -0.42 0.22 -6.66
N ARG A 40 -0.68 -0.87 -7.42
CA ARG A 40 -0.46 -0.92 -8.88
C ARG A 40 -1.60 -0.22 -9.67
N ASN A 41 -2.50 0.47 -8.95
CA ASN A 41 -3.57 1.30 -9.54
C ASN A 41 -3.35 2.79 -9.19
N CYS A 42 -2.40 3.07 -8.26
CA CYS A 42 -1.93 4.45 -8.01
C CYS A 42 -0.66 4.71 -8.84
N GLU A 43 0.43 3.98 -8.50
CA GLU A 43 1.74 4.05 -9.20
C GLU A 43 2.27 5.51 -9.35
N SER A 44 2.63 6.13 -8.23
CA SER A 44 3.18 7.50 -8.23
C SER A 44 4.69 7.43 -8.61
N ALA A 1 6.98 -9.93 7.39
CA ALA A 1 6.96 -8.61 8.07
C ALA A 1 5.51 -8.09 8.16
N PRO A 2 4.89 -8.04 9.39
CA PRO A 2 3.46 -7.72 9.57
C PRO A 2 3.12 -6.27 9.15
N CYS A 3 2.81 -6.14 7.84
CA CYS A 3 2.45 -4.89 7.15
C CYS A 3 3.68 -4.03 6.82
N GLU A 4 4.81 -4.26 7.55
CA GLU A 4 6.07 -3.51 7.38
C GLU A 4 6.60 -3.61 5.95
N ASP A 5 6.63 -4.86 5.42
CA ASP A 5 7.12 -5.16 4.05
C ASP A 5 6.32 -4.37 3.00
N LEU A 6 5.02 -4.21 3.26
CA LEU A 6 4.10 -3.52 2.37
C LEU A 6 4.38 -2.00 2.43
N LYS A 7 4.41 -1.46 3.67
CA LYS A 7 4.63 -0.02 3.99
C LYS A 7 5.93 0.52 3.40
N GLU A 8 7.05 -0.17 3.70
CA GLU A 8 8.41 0.23 3.31
C GLU A 8 8.51 0.36 1.79
N ARG A 9 7.83 -0.58 1.07
CA ARG A 9 7.79 -0.59 -0.39
C ARG A 9 7.01 0.61 -0.91
N LEU A 10 5.84 0.93 -0.30
CA LEU A 10 4.97 2.06 -0.74
C LEU A 10 5.76 3.38 -0.77
N LYS A 11 6.58 3.57 0.28
CA LYS A 11 7.41 4.76 0.48
C LYS A 11 8.57 4.79 -0.53
N LYS A 12 9.24 3.63 -0.71
CA LYS A 12 10.40 3.49 -1.61
C LYS A 12 9.97 3.60 -3.09
N LEU A 13 8.74 3.15 -3.35
CA LEU A 13 8.16 3.04 -4.70
C LEU A 13 7.78 4.43 -5.24
N GLY A 14 7.61 5.40 -4.29
CA GLY A 14 7.46 6.81 -4.63
C GLY A 14 6.16 7.14 -5.33
N MET A 15 5.04 6.78 -4.68
CA MET A 15 3.68 7.18 -5.14
C MET A 15 3.26 8.45 -4.36
N SER A 16 1.96 8.77 -4.37
CA SER A 16 1.41 9.84 -3.51
C SER A 16 1.18 9.28 -2.10
N GLU A 17 1.39 10.12 -1.07
CA GLU A 17 1.21 9.73 0.34
C GLU A 17 -0.23 9.28 0.63
N GLU A 18 -1.19 9.87 -0.12
CA GLU A 18 -2.62 9.61 0.05
C GLU A 18 -2.92 8.16 -0.34
N CYS A 19 -2.24 7.67 -1.42
CA CYS A 19 -2.33 6.29 -1.85
C CYS A 19 -1.87 5.37 -0.73
N ARG A 20 -0.66 5.65 -0.19
CA ARG A 20 0.02 4.77 0.79
C ARG A 20 -0.88 4.43 1.95
N GLN A 21 -1.43 5.48 2.56
CA GLN A 21 -2.22 5.38 3.79
C GLN A 21 -3.51 4.56 3.56
N ARG A 22 -4.05 4.62 2.33
CA ARG A 22 -5.19 3.81 1.88
C ARG A 22 -4.78 2.33 1.73
N LEU A 23 -3.54 2.12 1.28
CA LEU A 23 -2.97 0.79 1.03
C LEU A 23 -2.61 0.09 2.36
N GLU A 24 -2.09 0.90 3.30
CA GLU A 24 -1.81 0.50 4.67
C GLU A 24 -3.12 0.22 5.42
N LYS A 25 -4.19 0.93 5.03
CA LYS A 25 -5.54 0.73 5.60
C LYS A 25 -6.11 -0.60 5.11
N MET A 26 -5.86 -0.91 3.82
CA MET A 26 -6.21 -2.20 3.22
C MET A 26 -5.38 -3.34 3.83
N CYS A 27 -4.13 -3.02 4.18
CA CYS A 27 -3.15 -3.94 4.77
C CYS A 27 -3.58 -4.38 6.20
N LYS A 28 -4.38 -3.54 6.88
CA LYS A 28 -4.82 -3.75 8.29
C LYS A 28 -6.29 -4.21 8.38
N GLU A 29 -7.16 -3.52 7.63
CA GLU A 29 -8.63 -3.68 7.72
C GLU A 29 -9.15 -4.75 6.73
N GLY A 30 -8.41 -4.95 5.62
CA GLY A 30 -8.78 -5.91 4.58
C GLY A 30 -7.69 -6.94 4.37
N THR A 31 -7.31 -7.17 3.11
CA THR A 31 -6.22 -8.10 2.76
C THR A 31 -5.06 -7.32 2.15
N SER A 32 -3.88 -7.97 2.11
CA SER A 32 -2.68 -7.42 1.49
C SER A 32 -2.90 -7.18 -0.02
N GLU A 33 -3.78 -8.02 -0.64
CA GLU A 33 -4.10 -7.88 -2.07
C GLU A 33 -4.81 -6.55 -2.36
N ASP A 34 -5.78 -6.15 -1.50
CA ASP A 34 -6.52 -4.88 -1.69
C ASP A 34 -5.57 -3.67 -1.77
N ALA A 35 -4.43 -3.78 -1.08
CA ALA A 35 -3.36 -2.79 -1.10
C ALA A 35 -2.60 -2.80 -2.44
N GLU A 36 -2.18 -4.00 -2.90
CA GLU A 36 -1.34 -4.12 -4.12
C GLU A 36 -2.14 -3.77 -5.39
N ARG A 37 -3.47 -4.03 -5.37
CA ARG A 37 -4.40 -3.70 -6.47
C ARG A 37 -4.38 -2.18 -6.70
N MET A 38 -4.62 -1.42 -5.62
CA MET A 38 -4.68 0.05 -5.67
C MET A 38 -3.29 0.68 -5.78
N ALA A 39 -2.23 -0.09 -5.42
CA ALA A 39 -0.83 0.36 -5.58
C ALA A 39 -0.44 0.39 -7.07
N ARG A 40 -0.79 -0.70 -7.80
CA ARG A 40 -0.46 -0.85 -9.23
C ARG A 40 -1.42 -0.04 -10.14
N ASN A 41 -2.42 0.61 -9.52
CA ASN A 41 -3.34 1.54 -10.22
C ASN A 41 -3.31 2.95 -9.58
N CYS A 42 -2.40 3.17 -8.61
CA CYS A 42 -2.22 4.48 -7.96
C CYS A 42 -1.49 5.44 -8.89
N GLU A 43 -0.24 5.08 -9.25
CA GLU A 43 0.70 5.97 -9.91
C GLU A 43 1.93 5.16 -10.32
N SER A 44 2.45 4.42 -9.32
CA SER A 44 3.61 3.54 -9.46
C SER A 44 3.26 2.31 -10.33
#